data_2M0P
#
_entry.id   2M0P
#
loop_
_entity.id
_entity.type
_entity.pdbx_description
1 polymer 'Low-density lipoprotein receptor-related protein 2'
2 non-polymer 'CALCIUM ION'
#
_entity_poly.entity_id   1
_entity_poly.type   'polypeptide(L)'
_entity_poly.pdbx_seq_one_letter_code
;THAPASCLDTQYTCDNHQCISKNWVCDTDNDCGDGSDEKNCNSTETHHHHHH
;
_entity_poly.pdbx_strand_id   A
#
# COMPACT_ATOMS: atom_id res chain seq x y z
N THR A 1 21.41 -8.75 -10.33
CA THR A 1 20.83 -7.43 -10.64
C THR A 1 19.35 -7.38 -10.24
N HIS A 2 19.10 -6.87 -9.04
CA HIS A 2 17.73 -6.76 -8.53
C HIS A 2 17.08 -5.48 -9.02
N ALA A 3 15.79 -5.52 -9.25
CA ALA A 3 15.06 -4.35 -9.70
C ALA A 3 14.43 -3.64 -8.51
N PRO A 4 14.80 -2.38 -8.28
CA PRO A 4 14.29 -1.59 -7.16
C PRO A 4 12.84 -1.18 -7.37
N ALA A 5 11.99 -1.55 -6.43
CA ALA A 5 10.56 -1.25 -6.54
C ALA A 5 10.29 0.21 -6.17
N SER A 6 9.09 0.67 -6.46
CA SER A 6 8.72 2.04 -6.13
C SER A 6 8.65 2.24 -4.62
N CYS A 7 8.77 3.49 -4.18
CA CYS A 7 8.83 3.82 -2.76
C CYS A 7 10.05 3.17 -2.08
N LEU A 8 10.02 3.12 -0.76
CA LEU A 8 11.11 2.52 0.01
C LEU A 8 11.09 1.01 -0.11
N ASP A 9 12.16 0.35 0.34
CA ASP A 9 12.20 -1.11 0.37
C ASP A 9 11.15 -1.64 1.34
N THR A 10 11.03 -0.97 2.48
CA THR A 10 10.08 -1.36 3.51
C THR A 10 8.74 -0.66 3.31
N GLN A 11 8.65 0.18 2.29
CA GLN A 11 7.41 0.87 2.00
C GLN A 11 6.62 0.16 0.93
N TYR A 12 5.32 0.37 1.00
CA TYR A 12 4.39 -0.17 0.03
C TYR A 12 3.97 0.94 -0.91
N THR A 13 3.69 0.59 -2.13
CA THR A 13 3.27 1.55 -3.13
C THR A 13 1.79 1.39 -3.40
N CYS A 14 1.00 2.29 -2.84
CA CYS A 14 -0.45 2.24 -2.98
C CYS A 14 -0.87 2.47 -4.43
N ASP A 15 -2.14 2.24 -4.73
CA ASP A 15 -2.65 2.48 -6.07
C ASP A 15 -2.59 3.98 -6.39
N ASN A 16 -2.73 4.78 -5.34
CA ASN A 16 -2.63 6.24 -5.45
C ASN A 16 -1.17 6.68 -5.47
N HIS A 17 -0.26 5.70 -5.57
CA HIS A 17 1.19 5.94 -5.62
C HIS A 17 1.73 6.46 -4.30
N GLN A 18 0.97 6.25 -3.24
CA GLN A 18 1.38 6.67 -1.90
C GLN A 18 2.39 5.67 -1.34
N CYS A 19 3.34 6.18 -0.56
CA CYS A 19 4.37 5.34 0.05
C CYS A 19 4.12 5.19 1.54
N ILE A 20 3.53 4.07 1.93
CA ILE A 20 3.27 3.79 3.33
C ILE A 20 4.13 2.63 3.82
N SER A 21 4.07 2.33 5.11
CA SER A 21 4.76 1.17 5.64
C SER A 21 4.06 -0.11 5.21
N LYS A 22 4.84 -1.13 4.90
CA LYS A 22 4.29 -2.43 4.54
C LYS A 22 3.61 -3.09 5.74
N ASN A 23 3.85 -2.54 6.94
CA ASN A 23 3.21 -3.06 8.15
C ASN A 23 1.81 -2.49 8.31
N TRP A 24 1.50 -1.49 7.49
CA TRP A 24 0.18 -0.85 7.54
C TRP A 24 -0.76 -1.50 6.54
N VAL A 25 -0.20 -2.27 5.64
CA VAL A 25 -0.98 -2.93 4.59
C VAL A 25 -1.94 -3.95 5.17
N CYS A 26 -3.23 -3.73 4.95
CA CYS A 26 -4.28 -4.64 5.43
C CYS A 26 -4.28 -4.71 6.95
N ASP A 27 -4.31 -3.55 7.59
CA ASP A 27 -4.35 -3.47 9.03
C ASP A 27 -5.71 -2.95 9.49
N THR A 28 -6.71 -3.17 8.62
CA THR A 28 -8.11 -2.79 8.85
C THR A 28 -8.29 -1.28 9.01
N ASP A 29 -7.35 -0.52 8.46
CA ASP A 29 -7.46 0.93 8.42
C ASP A 29 -6.79 1.46 7.16
N ASN A 30 -7.55 2.13 6.31
CA ASN A 30 -7.01 2.64 5.05
C ASN A 30 -5.95 3.71 5.30
N ASP A 31 -4.73 3.45 4.82
CA ASP A 31 -3.63 4.39 5.01
C ASP A 31 -3.38 5.19 3.75
N CYS A 32 -3.67 4.58 2.62
CA CYS A 32 -3.46 5.22 1.33
C CYS A 32 -4.62 6.16 0.99
N GLY A 33 -5.59 6.26 1.88
CA GLY A 33 -6.77 7.07 1.63
C GLY A 33 -7.78 6.32 0.80
N ASP A 34 -7.36 5.89 -0.38
CA ASP A 34 -8.21 5.12 -1.29
C ASP A 34 -8.37 3.70 -0.75
N GLY A 35 -7.50 3.32 0.17
CA GLY A 35 -7.60 2.03 0.81
C GLY A 35 -7.02 0.93 -0.03
N SER A 36 -6.12 1.27 -0.94
CA SER A 36 -5.52 0.29 -1.82
C SER A 36 -4.63 -0.68 -1.03
N ASP A 37 -4.12 -0.23 0.10
CA ASP A 37 -3.32 -1.08 0.97
C ASP A 37 -4.21 -2.10 1.66
N GLU A 38 -5.48 -1.79 1.76
CA GLU A 38 -6.45 -2.70 2.37
C GLU A 38 -7.07 -3.60 1.30
N LYS A 39 -7.20 -3.08 0.08
CA LYS A 39 -7.81 -3.82 -1.01
C LYS A 39 -6.90 -4.96 -1.47
N ASN A 40 -5.60 -4.75 -1.34
CA ASN A 40 -4.63 -5.77 -1.70
C ASN A 40 -4.36 -6.66 -0.50
N CYS A 41 -5.31 -7.55 -0.23
CA CYS A 41 -5.26 -8.43 0.91
C CYS A 41 -6.36 -9.49 0.78
N ASN A 42 -6.09 -10.68 1.28
CA ASN A 42 -7.05 -11.77 1.17
C ASN A 42 -7.52 -12.24 2.55
N SER A 43 -8.52 -11.57 3.09
CA SER A 43 -9.13 -11.96 4.35
C SER A 43 -10.60 -11.56 4.37
N THR A 44 -11.41 -12.35 5.05
CA THR A 44 -12.84 -12.10 5.14
C THR A 44 -13.19 -11.24 6.36
N GLU A 45 -12.41 -10.18 6.57
CA GLU A 45 -12.61 -9.31 7.72
C GLU A 45 -13.81 -8.39 7.50
N THR A 46 -14.25 -8.34 6.24
CA THR A 46 -15.36 -7.50 5.82
C THR A 46 -14.98 -6.01 5.91
N THR A 1 10.74 -9.13 -14.79
CA THR A 1 12.14 -8.71 -14.61
C THR A 1 12.22 -7.25 -14.19
N HIS A 2 13.09 -6.96 -13.23
CA HIS A 2 13.29 -5.60 -12.73
C HIS A 2 12.02 -5.09 -12.06
N ALA A 3 11.78 -5.55 -10.84
CA ALA A 3 10.65 -5.07 -10.06
C ALA A 3 10.83 -3.60 -9.72
N PRO A 4 9.79 -2.79 -9.90
CA PRO A 4 9.84 -1.35 -9.63
C PRO A 4 10.14 -1.05 -8.17
N ALA A 5 11.23 -0.35 -7.93
CA ALA A 5 11.67 -0.04 -6.58
C ALA A 5 11.05 1.28 -6.13
N SER A 6 9.75 1.36 -6.21
CA SER A 6 9.03 2.55 -5.81
C SER A 6 8.88 2.60 -4.29
N CYS A 7 8.89 3.82 -3.74
CA CYS A 7 8.84 4.02 -2.30
C CYS A 7 10.04 3.38 -1.62
N LEU A 8 10.00 3.30 -0.30
CA LEU A 8 11.08 2.71 0.48
C LEU A 8 11.13 1.20 0.25
N ASP A 9 12.24 0.57 0.63
CA ASP A 9 12.36 -0.87 0.52
C ASP A 9 11.31 -1.56 1.39
N THR A 10 11.10 -1.03 2.58
CA THR A 10 10.11 -1.58 3.50
C THR A 10 8.78 -0.84 3.39
N GLN A 11 8.66 0.04 2.40
CA GLN A 11 7.39 0.72 2.16
C GLN A 11 6.63 0.10 1.01
N TYR A 12 5.34 0.30 1.04
CA TYR A 12 4.45 -0.20 0.00
C TYR A 12 4.09 0.93 -0.94
N THR A 13 3.86 0.58 -2.19
CA THR A 13 3.45 1.54 -3.19
C THR A 13 1.99 1.31 -3.54
N CYS A 14 1.12 2.18 -3.03
CA CYS A 14 -0.31 2.07 -3.28
C CYS A 14 -0.66 2.25 -4.74
N ASP A 15 -1.91 1.97 -5.08
CA ASP A 15 -2.40 2.16 -6.45
C ASP A 15 -2.22 3.62 -6.86
N ASN A 16 -2.57 4.52 -5.96
CA ASN A 16 -2.42 5.96 -6.18
C ASN A 16 -0.99 6.41 -5.85
N HIS A 17 -0.08 5.43 -5.81
CA HIS A 17 1.35 5.67 -5.61
C HIS A 17 1.66 6.31 -4.25
N GLN A 18 0.77 6.11 -3.29
CA GLN A 18 0.99 6.56 -1.94
C GLN A 18 1.92 5.60 -1.22
N CYS A 19 3.04 6.12 -0.73
CA CYS A 19 4.00 5.31 0.01
C CYS A 19 3.60 5.20 1.47
N ILE A 20 3.45 3.97 1.94
CA ILE A 20 3.17 3.69 3.34
C ILE A 20 4.03 2.55 3.82
N SER A 21 3.99 2.24 5.10
CA SER A 21 4.72 1.09 5.63
C SER A 21 4.06 -0.20 5.14
N LYS A 22 4.89 -1.18 4.77
CA LYS A 22 4.38 -2.49 4.38
C LYS A 22 3.69 -3.17 5.56
N ASN A 23 4.07 -2.74 6.76
CA ASN A 23 3.48 -3.28 7.98
C ASN A 23 2.11 -2.65 8.22
N TRP A 24 1.80 -1.64 7.43
CA TRP A 24 0.51 -0.95 7.54
C TRP A 24 -0.46 -1.46 6.49
N VAL A 25 0.01 -2.36 5.65
CA VAL A 25 -0.84 -2.92 4.59
C VAL A 25 -1.86 -3.88 5.17
N CYS A 26 -3.14 -3.60 4.89
CA CYS A 26 -4.25 -4.44 5.32
C CYS A 26 -4.32 -4.48 6.85
N ASP A 27 -4.27 -3.32 7.46
CA ASP A 27 -4.25 -3.21 8.91
C ASP A 27 -5.49 -2.47 9.42
N THR A 28 -6.49 -2.37 8.53
CA THR A 28 -7.77 -1.71 8.79
C THR A 28 -7.59 -0.22 9.14
N ASP A 29 -6.53 0.38 8.59
CA ASP A 29 -6.35 1.82 8.69
C ASP A 29 -6.04 2.39 7.31
N ASN A 30 -6.64 3.54 7.00
CA ASN A 30 -6.46 4.17 5.69
C ASN A 30 -5.20 5.02 5.63
N ASP A 31 -4.08 4.46 6.09
CA ASP A 31 -2.76 5.05 5.89
C ASP A 31 -2.55 5.37 4.43
N CYS A 32 -2.96 4.45 3.58
CA CYS A 32 -2.85 4.58 2.14
C CYS A 32 -3.72 5.72 1.61
N GLY A 33 -4.64 6.20 2.44
CA GLY A 33 -5.54 7.27 2.02
C GLY A 33 -6.66 6.76 1.14
N ASP A 34 -6.30 6.28 -0.04
CA ASP A 34 -7.27 5.71 -0.97
C ASP A 34 -7.65 4.30 -0.52
N GLY A 35 -6.83 3.74 0.35
CA GLY A 35 -7.13 2.46 0.97
C GLY A 35 -6.88 1.28 0.05
N SER A 36 -5.97 1.43 -0.89
CA SER A 36 -5.66 0.33 -1.80
C SER A 36 -4.85 -0.75 -1.10
N ASP A 37 -4.21 -0.39 0.00
CA ASP A 37 -3.45 -1.35 0.79
C ASP A 37 -4.41 -2.29 1.51
N GLU A 38 -5.60 -1.78 1.81
CA GLU A 38 -6.62 -2.54 2.49
C GLU A 38 -7.45 -3.35 1.50
N LYS A 39 -7.38 -2.98 0.23
CA LYS A 39 -8.20 -3.61 -0.80
C LYS A 39 -7.43 -4.74 -1.47
N ASN A 40 -6.11 -4.60 -1.53
CA ASN A 40 -5.27 -5.59 -2.18
C ASN A 40 -4.36 -6.26 -1.15
N CYS A 41 -4.96 -7.12 -0.34
CA CYS A 41 -4.21 -7.86 0.66
C CYS A 41 -4.74 -9.29 0.77
N ASN A 42 -5.99 -9.43 1.18
CA ASN A 42 -6.67 -10.72 1.19
C ASN A 42 -8.18 -10.49 1.16
N SER A 43 -8.55 -9.28 0.80
CA SER A 43 -9.93 -8.83 0.85
C SER A 43 -10.53 -8.75 -0.55
N THR A 44 -11.83 -8.88 -0.64
CA THR A 44 -12.54 -8.72 -1.91
C THR A 44 -12.86 -7.25 -2.15
N GLU A 45 -11.96 -6.57 -2.84
CA GLU A 45 -12.13 -5.16 -3.14
C GLU A 45 -13.32 -4.96 -4.08
N THR A 46 -13.49 -5.90 -5.01
CA THR A 46 -14.56 -5.83 -6.01
C THR A 46 -14.43 -4.60 -6.91
N THR A 1 6.32 16.36 -13.96
CA THR A 1 7.05 15.99 -12.73
C THR A 1 8.14 14.97 -13.04
N HIS A 2 9.39 15.39 -12.89
CA HIS A 2 10.54 14.51 -13.14
C HIS A 2 10.85 13.65 -11.93
N ALA A 3 10.29 14.02 -10.79
CA ALA A 3 10.48 13.25 -9.57
C ALA A 3 9.51 12.06 -9.55
N PRO A 4 10.06 10.84 -9.50
CA PRO A 4 9.24 9.62 -9.48
C PRO A 4 8.71 9.30 -8.09
N ALA A 5 7.53 8.71 -8.03
CA ALA A 5 6.92 8.37 -6.76
C ALA A 5 7.34 6.97 -6.30
N SER A 6 8.64 6.79 -6.14
CA SER A 6 9.18 5.53 -5.67
C SER A 6 9.22 5.50 -4.15
N CYS A 7 8.89 4.36 -3.57
CA CYS A 7 8.80 4.25 -2.13
C CYS A 7 10.02 3.55 -1.53
N LEU A 8 10.04 3.47 -0.22
CA LEU A 8 11.11 2.79 0.51
C LEU A 8 11.08 1.29 0.22
N ASP A 9 12.14 0.58 0.57
CA ASP A 9 12.18 -0.86 0.40
C ASP A 9 11.17 -1.53 1.32
N THR A 10 11.03 -0.99 2.53
CA THR A 10 10.06 -1.51 3.48
C THR A 10 8.73 -0.77 3.36
N GLN A 11 8.62 0.12 2.38
CA GLN A 11 7.38 0.82 2.14
C GLN A 11 6.60 0.21 1.01
N TYR A 12 5.29 0.38 1.09
CA TYR A 12 4.37 -0.14 0.10
C TYR A 12 3.94 0.99 -0.83
N THR A 13 3.65 0.64 -2.06
CA THR A 13 3.27 1.62 -3.05
C THR A 13 1.80 1.42 -3.43
N CYS A 14 0.95 2.32 -2.93
CA CYS A 14 -0.47 2.27 -3.24
C CYS A 14 -0.72 2.45 -4.72
N ASP A 15 -1.89 2.05 -5.18
CA ASP A 15 -2.26 2.17 -6.59
C ASP A 15 -2.09 3.60 -7.08
N ASN A 16 -2.62 4.56 -6.31
CA ASN A 16 -2.48 5.98 -6.65
C ASN A 16 -1.11 6.53 -6.25
N HIS A 17 -0.12 5.64 -6.18
CA HIS A 17 1.27 6.02 -5.87
C HIS A 17 1.39 6.71 -4.52
N GLN A 18 1.06 5.98 -3.46
CA GLN A 18 1.26 6.47 -2.11
C GLN A 18 2.21 5.55 -1.36
N CYS A 19 3.10 6.12 -0.58
CA CYS A 19 4.10 5.33 0.12
C CYS A 19 3.79 5.24 1.61
N ILE A 20 3.43 4.03 2.04
CA ILE A 20 3.20 3.74 3.44
C ILE A 20 4.09 2.59 3.87
N SER A 21 4.01 2.19 5.13
CA SER A 21 4.76 1.03 5.59
C SER A 21 4.10 -0.25 5.08
N LYS A 22 4.91 -1.23 4.72
CA LYS A 22 4.40 -2.53 4.26
C LYS A 22 3.69 -3.26 5.39
N ASN A 23 3.96 -2.86 6.62
CA ASN A 23 3.28 -3.44 7.77
C ASN A 23 1.88 -2.83 7.91
N TRP A 24 1.65 -1.74 7.21
CA TRP A 24 0.40 -1.00 7.32
C TRP A 24 -0.62 -1.51 6.32
N VAL A 25 -0.20 -2.45 5.49
CA VAL A 25 -1.08 -3.07 4.51
C VAL A 25 -2.10 -3.97 5.19
N CYS A 26 -3.38 -3.67 4.99
CA CYS A 26 -4.48 -4.44 5.58
C CYS A 26 -4.36 -4.44 7.11
N ASP A 27 -4.21 -3.25 7.67
CA ASP A 27 -4.07 -3.10 9.11
C ASP A 27 -5.27 -2.37 9.70
N THR A 28 -6.31 -2.22 8.87
CA THR A 28 -7.57 -1.56 9.23
C THR A 28 -7.35 -0.10 9.66
N ASP A 29 -6.26 0.48 9.20
CA ASP A 29 -5.98 1.90 9.47
C ASP A 29 -5.86 2.65 8.15
N ASN A 30 -6.40 3.87 8.13
CA ASN A 30 -6.40 4.69 6.92
C ASN A 30 -5.07 5.43 6.77
N ASP A 31 -4.01 4.67 6.63
CA ASP A 31 -2.70 5.21 6.27
C ASP A 31 -2.74 5.66 4.82
N CYS A 32 -3.05 4.73 3.95
CA CYS A 32 -3.18 5.00 2.54
C CYS A 32 -4.56 5.60 2.24
N GLY A 33 -4.57 6.81 1.71
CA GLY A 33 -5.83 7.46 1.36
C GLY A 33 -6.43 6.86 0.12
N ASP A 34 -5.59 6.20 -0.67
CA ASP A 34 -6.04 5.49 -1.86
C ASP A 34 -6.72 4.18 -1.45
N GLY A 35 -6.32 3.66 -0.29
CA GLY A 35 -6.99 2.52 0.30
C GLY A 35 -6.69 1.21 -0.41
N SER A 36 -5.69 1.20 -1.27
CA SER A 36 -5.35 0.01 -2.02
C SER A 36 -4.55 -0.96 -1.15
N ASP A 37 -4.04 -0.47 -0.04
CA ASP A 37 -3.32 -1.33 0.90
C ASP A 37 -4.31 -2.20 1.66
N GLU A 38 -5.48 -1.64 1.93
CA GLU A 38 -6.52 -2.37 2.64
C GLU A 38 -7.25 -3.31 1.68
N LYS A 39 -7.32 -2.92 0.41
CA LYS A 39 -7.98 -3.73 -0.59
C LYS A 39 -7.10 -4.91 -0.98
N ASN A 40 -5.79 -4.71 -0.87
CA ASN A 40 -4.82 -5.76 -1.19
C ASN A 40 -4.72 -6.74 -0.02
N CYS A 41 -5.86 -7.29 0.36
CA CYS A 41 -5.93 -8.24 1.45
C CYS A 41 -6.90 -9.36 1.10
N ASN A 42 -7.32 -9.39 -0.16
CA ASN A 42 -8.27 -10.38 -0.65
C ASN A 42 -7.53 -11.58 -1.21
N SER A 43 -6.21 -11.56 -1.06
CA SER A 43 -5.37 -12.65 -1.52
C SER A 43 -5.46 -13.84 -0.57
N THR A 44 -5.26 -15.03 -1.10
CA THR A 44 -5.38 -16.25 -0.32
C THR A 44 -4.05 -16.62 0.34
N GLU A 45 -3.28 -15.61 0.72
CA GLU A 45 -2.03 -15.82 1.43
C GLU A 45 -2.28 -15.95 2.93
N THR A 46 -3.56 -15.89 3.31
CA THR A 46 -3.99 -16.03 4.69
C THR A 46 -3.30 -17.20 5.38
N THR A 1 14.95 7.04 -18.84
CA THR A 1 14.51 5.72 -18.34
C THR A 1 13.38 5.90 -17.33
N HIS A 2 12.16 5.56 -17.74
CA HIS A 2 11.00 5.75 -16.89
C HIS A 2 10.97 4.72 -15.77
N ALA A 3 11.48 5.12 -14.61
CA ALA A 3 11.48 4.28 -13.44
C ALA A 3 10.16 4.42 -12.70
N PRO A 4 9.49 3.30 -12.41
CA PRO A 4 8.20 3.29 -11.70
C PRO A 4 8.25 4.07 -10.40
N ALA A 5 7.13 4.68 -10.04
CA ALA A 5 7.04 5.48 -8.82
C ALA A 5 6.92 4.58 -7.60
N SER A 6 7.90 3.71 -7.42
CA SER A 6 7.94 2.79 -6.31
C SER A 6 8.38 3.51 -5.04
N CYS A 7 8.09 2.90 -3.91
CA CYS A 7 8.45 3.47 -2.62
C CYS A 7 9.60 2.70 -2.00
N LEU A 8 9.90 3.01 -0.75
CA LEU A 8 11.00 2.39 -0.01
C LEU A 8 10.95 0.88 -0.05
N ASP A 9 12.08 0.23 0.23
CA ASP A 9 12.14 -1.23 0.29
C ASP A 9 11.18 -1.76 1.37
N THR A 10 11.10 -1.03 2.47
CA THR A 10 10.20 -1.40 3.56
C THR A 10 8.84 -0.71 3.42
N GLN A 11 8.68 0.09 2.38
CA GLN A 11 7.44 0.78 2.13
C GLN A 11 6.61 0.10 1.07
N TYR A 12 5.32 0.38 1.09
CA TYR A 12 4.40 -0.11 0.10
C TYR A 12 4.03 1.03 -0.83
N THR A 13 3.77 0.68 -2.07
CA THR A 13 3.35 1.64 -3.06
C THR A 13 1.87 1.45 -3.33
N CYS A 14 1.06 2.26 -2.68
CA CYS A 14 -0.39 2.15 -2.79
C CYS A 14 -0.84 2.32 -4.24
N ASP A 15 -2.05 1.87 -4.53
CA ASP A 15 -2.63 2.00 -5.86
C ASP A 15 -2.67 3.47 -6.30
N ASN A 16 -2.75 4.35 -5.31
CA ASN A 16 -2.81 5.79 -5.55
C ASN A 16 -1.42 6.40 -5.59
N HIS A 17 -0.41 5.55 -5.78
CA HIS A 17 1.00 5.97 -5.77
C HIS A 17 1.35 6.67 -4.46
N GLN A 18 1.02 6.02 -3.35
CA GLN A 18 1.30 6.58 -2.03
C GLN A 18 2.28 5.68 -1.29
N CYS A 19 3.17 6.27 -0.52
CA CYS A 19 4.19 5.51 0.20
C CYS A 19 3.82 5.35 1.66
N ILE A 20 3.46 4.12 2.03
CA ILE A 20 3.17 3.78 3.41
C ILE A 20 4.09 2.67 3.87
N SER A 21 4.03 2.31 5.14
CA SER A 21 4.79 1.18 5.66
C SER A 21 4.10 -0.12 5.23
N LYS A 22 4.91 -1.14 4.95
CA LYS A 22 4.37 -2.45 4.60
C LYS A 22 3.63 -3.07 5.78
N ASN A 23 3.93 -2.59 6.99
CA ASN A 23 3.24 -3.06 8.17
C ASN A 23 1.87 -2.40 8.30
N TRP A 24 1.64 -1.38 7.47
CA TRP A 24 0.37 -0.67 7.45
C TRP A 24 -0.56 -1.30 6.44
N VAL A 25 -0.01 -2.16 5.60
CA VAL A 25 -0.79 -2.80 4.54
C VAL A 25 -1.76 -3.81 5.10
N CYS A 26 -3.04 -3.60 4.81
CA CYS A 26 -4.09 -4.53 5.21
C CYS A 26 -4.19 -4.59 6.74
N ASP A 27 -4.25 -3.41 7.34
CA ASP A 27 -4.30 -3.28 8.80
C ASP A 27 -5.62 -2.65 9.23
N THR A 28 -6.58 -2.66 8.31
CA THR A 28 -7.91 -2.05 8.48
C THR A 28 -7.82 -0.54 8.78
N ASP A 29 -6.78 0.10 8.27
CA ASP A 29 -6.66 1.56 8.34
C ASP A 29 -6.36 2.11 6.95
N ASN A 30 -7.03 3.20 6.60
CA ASN A 30 -6.89 3.79 5.27
C ASN A 30 -5.69 4.72 5.19
N ASP A 31 -4.52 4.17 5.48
CA ASP A 31 -3.25 4.89 5.36
C ASP A 31 -2.99 5.29 3.92
N CYS A 32 -3.36 4.43 2.98
CA CYS A 32 -3.24 4.75 1.55
C CYS A 32 -4.32 5.74 1.10
N GLY A 33 -5.13 6.22 2.05
CA GLY A 33 -6.21 7.12 1.71
C GLY A 33 -7.40 6.37 1.16
N ASP A 34 -7.24 5.82 -0.04
CA ASP A 34 -8.26 4.98 -0.64
C ASP A 34 -8.39 3.66 0.11
N GLY A 35 -7.31 3.30 0.78
CA GLY A 35 -7.25 2.01 1.44
C GLY A 35 -6.92 0.93 0.44
N SER A 36 -6.14 1.28 -0.57
CA SER A 36 -5.76 0.36 -1.62
C SER A 36 -4.85 -0.74 -1.07
N ASP A 37 -4.15 -0.45 0.01
CA ASP A 37 -3.36 -1.44 0.71
C ASP A 37 -4.28 -2.47 1.34
N GLU A 38 -5.50 -2.05 1.65
CA GLU A 38 -6.51 -2.90 2.24
C GLU A 38 -7.22 -3.69 1.17
N LYS A 39 -7.47 -3.04 0.02
CA LYS A 39 -8.20 -3.68 -1.07
C LYS A 39 -7.32 -4.68 -1.80
N ASN A 40 -6.01 -4.44 -1.76
CA ASN A 40 -5.05 -5.37 -2.35
C ASN A 40 -4.55 -6.34 -1.28
N CYS A 41 -5.51 -7.00 -0.63
CA CYS A 41 -5.19 -7.95 0.43
C CYS A 41 -6.08 -9.19 0.29
N ASN A 42 -5.78 -9.99 -0.72
CA ASN A 42 -6.47 -11.27 -1.01
C ASN A 42 -8.00 -11.13 -1.04
N SER A 43 -8.67 -12.28 -1.22
CA SER A 43 -10.14 -12.38 -1.23
C SER A 43 -10.77 -11.43 -2.25
N THR A 44 -12.08 -11.24 -2.15
CA THR A 44 -12.80 -10.38 -3.06
C THR A 44 -12.85 -8.94 -2.54
N GLU A 45 -11.73 -8.46 -2.01
CA GLU A 45 -11.62 -7.09 -1.59
C GLU A 45 -11.57 -6.17 -2.80
N THR A 46 -11.21 -6.76 -3.93
CA THR A 46 -11.29 -6.07 -5.21
C THR A 46 -12.77 -5.92 -5.60
N THR A 1 15.58 16.44 -12.15
CA THR A 1 16.06 15.06 -11.87
C THR A 1 15.07 14.04 -12.45
N HIS A 2 15.51 12.79 -12.59
CA HIS A 2 14.66 11.74 -13.09
C HIS A 2 14.60 10.59 -12.09
N ALA A 3 13.85 10.80 -11.03
CA ALA A 3 13.69 9.80 -9.99
C ALA A 3 12.37 9.06 -10.17
N PRO A 4 12.39 7.73 -10.16
CA PRO A 4 11.18 6.91 -10.27
C PRO A 4 10.36 6.95 -8.99
N ALA A 5 9.06 6.73 -9.12
CA ALA A 5 8.14 6.81 -7.98
C ALA A 5 8.18 5.52 -7.16
N SER A 6 9.36 4.98 -7.00
CA SER A 6 9.54 3.77 -6.21
C SER A 6 9.72 4.13 -4.74
N CYS A 7 8.87 3.57 -3.89
CA CYS A 7 8.92 3.84 -2.46
C CYS A 7 10.04 3.07 -1.79
N LEU A 8 10.14 3.20 -0.47
CA LEU A 8 11.14 2.49 0.31
C LEU A 8 10.99 0.98 0.13
N ASP A 9 12.00 0.21 0.48
CA ASP A 9 11.90 -1.24 0.42
C ASP A 9 10.78 -1.72 1.32
N THR A 10 10.78 -1.23 2.55
CA THR A 10 9.77 -1.61 3.53
C THR A 10 8.48 -0.82 3.35
N GLN A 11 8.48 0.12 2.41
CA GLN A 11 7.29 0.88 2.12
C GLN A 11 6.45 0.24 1.04
N TYR A 12 5.17 0.51 1.10
CA TYR A 12 4.22 0.02 0.13
C TYR A 12 3.88 1.15 -0.83
N THR A 13 3.61 0.79 -2.06
CA THR A 13 3.26 1.77 -3.08
C THR A 13 1.80 1.61 -3.47
N CYS A 14 0.97 2.53 -3.00
CA CYS A 14 -0.46 2.50 -3.30
C CYS A 14 -0.70 2.59 -4.80
N ASP A 15 -1.88 2.18 -5.24
CA ASP A 15 -2.22 2.22 -6.67
C ASP A 15 -2.06 3.62 -7.23
N ASN A 16 -2.54 4.61 -6.48
CA ASN A 16 -2.45 6.02 -6.88
C ASN A 16 -1.09 6.61 -6.52
N HIS A 17 -0.13 5.73 -6.22
CA HIS A 17 1.24 6.13 -5.86
C HIS A 17 1.29 6.88 -4.54
N GLN A 18 1.33 6.11 -3.46
CA GLN A 18 1.48 6.67 -2.11
C GLN A 18 2.37 5.74 -1.31
N CYS A 19 3.37 6.29 -0.64
CA CYS A 19 4.32 5.48 0.12
C CYS A 19 3.91 5.39 1.59
N ILE A 20 3.51 4.19 2.00
CA ILE A 20 3.23 3.91 3.41
C ILE A 20 4.06 2.73 3.86
N SER A 21 3.91 2.30 5.09
CA SER A 21 4.61 1.12 5.57
C SER A 21 3.92 -0.15 5.06
N LYS A 22 4.72 -1.17 4.73
CA LYS A 22 4.17 -2.46 4.35
C LYS A 22 3.50 -3.13 5.55
N ASN A 23 3.79 -2.63 6.74
CA ASN A 23 3.15 -3.12 7.94
C ASN A 23 1.73 -2.57 8.04
N TRP A 24 1.48 -1.52 7.27
CA TRP A 24 0.18 -0.84 7.28
C TRP A 24 -0.75 -1.47 6.25
N VAL A 25 -0.21 -2.37 5.45
CA VAL A 25 -1.00 -3.06 4.44
C VAL A 25 -1.95 -4.05 5.09
N CYS A 26 -3.24 -3.75 5.00
CA CYS A 26 -4.29 -4.59 5.57
C CYS A 26 -4.16 -4.63 7.09
N ASP A 27 -3.99 -3.47 7.68
CA ASP A 27 -3.82 -3.37 9.12
C ASP A 27 -5.05 -2.74 9.77
N THR A 28 -6.16 -2.78 9.04
CA THR A 28 -7.43 -2.19 9.46
C THR A 28 -7.26 -0.74 9.87
N ASP A 29 -6.48 0.00 9.10
CA ASP A 29 -6.31 1.43 9.32
C ASP A 29 -6.31 2.16 7.98
N ASN A 30 -6.82 3.38 7.99
CA ASN A 30 -7.05 4.15 6.77
C ASN A 30 -5.82 4.93 6.32
N ASP A 31 -4.65 4.36 6.50
CA ASP A 31 -3.43 4.89 5.90
C ASP A 31 -3.54 4.84 4.39
N CYS A 32 -2.60 5.50 3.71
CA CYS A 32 -2.62 5.60 2.25
C CYS A 32 -3.71 6.57 1.80
N GLY A 33 -3.54 7.17 0.64
CA GLY A 33 -4.50 8.13 0.14
C GLY A 33 -5.51 7.50 -0.79
N ASP A 34 -5.80 6.23 -0.56
CA ASP A 34 -6.73 5.50 -1.42
C ASP A 34 -7.31 4.29 -0.69
N GLY A 35 -6.44 3.52 -0.06
CA GLY A 35 -6.87 2.34 0.66
C GLY A 35 -6.54 1.07 -0.10
N SER A 36 -5.72 1.20 -1.13
CA SER A 36 -5.32 0.06 -1.95
C SER A 36 -4.48 -0.92 -1.14
N ASP A 37 -4.00 -0.46 0.00
CA ASP A 37 -3.22 -1.29 0.90
C ASP A 37 -4.14 -2.28 1.62
N GLU A 38 -5.36 -1.82 1.92
CA GLU A 38 -6.33 -2.65 2.61
C GLU A 38 -7.02 -3.60 1.63
N LYS A 39 -7.11 -3.16 0.38
CA LYS A 39 -7.80 -3.95 -0.64
C LYS A 39 -6.96 -5.14 -1.08
N ASN A 40 -5.63 -4.96 -1.04
CA ASN A 40 -4.71 -6.04 -1.43
C ASN A 40 -4.53 -7.00 -0.26
N CYS A 41 -5.62 -7.65 0.11
CA CYS A 41 -5.67 -8.51 1.28
C CYS A 41 -7.05 -9.11 1.41
N ASN A 42 -7.12 -10.28 2.03
CA ASN A 42 -8.39 -10.96 2.26
C ASN A 42 -9.23 -10.21 3.29
N SER A 43 -8.54 -9.38 4.09
CA SER A 43 -9.14 -8.51 5.12
C SER A 43 -9.92 -9.31 6.16
N THR A 44 -10.30 -8.65 7.23
CA THR A 44 -11.10 -9.26 8.27
C THR A 44 -12.57 -9.05 7.98
N GLU A 45 -13.02 -9.66 6.88
CA GLU A 45 -14.39 -9.48 6.39
C GLU A 45 -15.43 -9.96 7.40
N THR A 46 -15.05 -10.89 8.27
CA THR A 46 -15.95 -11.36 9.31
C THR A 46 -16.08 -10.31 10.41
N THR A 1 5.90 -12.67 -9.24
CA THR A 1 7.28 -12.99 -8.80
C THR A 1 7.68 -12.11 -7.62
N HIS A 2 7.63 -10.80 -7.80
CA HIS A 2 8.00 -9.86 -6.75
C HIS A 2 7.37 -8.51 -7.04
N ALA A 3 6.54 -8.03 -6.12
CA ALA A 3 5.85 -6.76 -6.30
C ALA A 3 6.81 -5.59 -6.22
N PRO A 4 6.91 -4.81 -7.30
CA PRO A 4 7.74 -3.62 -7.35
C PRO A 4 7.06 -2.41 -6.74
N ALA A 5 7.78 -1.67 -5.91
CA ALA A 5 7.23 -0.50 -5.25
C ALA A 5 8.13 0.70 -5.48
N SER A 6 7.54 1.82 -5.90
CA SER A 6 8.30 3.04 -6.15
C SER A 6 8.47 3.83 -4.85
N CYS A 7 8.66 3.07 -3.79
CA CYS A 7 8.89 3.63 -2.46
C CYS A 7 10.05 2.90 -1.79
N LEU A 8 10.18 3.09 -0.50
CA LEU A 8 11.18 2.41 0.31
C LEU A 8 11.08 0.89 0.14
N ASP A 9 12.17 0.20 0.44
CA ASP A 9 12.19 -1.26 0.36
C ASP A 9 11.22 -1.86 1.37
N THR A 10 10.96 -1.13 2.44
CA THR A 10 10.01 -1.57 3.45
C THR A 10 8.69 -0.80 3.33
N GLN A 11 8.60 0.05 2.32
CA GLN A 11 7.38 0.80 2.07
C GLN A 11 6.56 0.16 0.95
N TYR A 12 5.27 0.43 0.99
CA TYR A 12 4.36 -0.04 -0.03
C TYR A 12 3.93 1.14 -0.89
N THR A 13 3.59 0.85 -2.12
CA THR A 13 3.18 1.88 -3.06
C THR A 13 1.73 1.68 -3.46
N CYS A 14 0.85 2.45 -2.82
CA CYS A 14 -0.58 2.33 -3.04
C CYS A 14 -1.01 2.92 -4.38
N ASP A 15 -2.32 2.93 -4.61
CA ASP A 15 -2.90 3.45 -5.84
C ASP A 15 -2.44 4.87 -6.15
N ASN A 16 -2.40 5.71 -5.12
CA ASN A 16 -1.97 7.10 -5.28
C ASN A 16 -0.45 7.22 -5.17
N HIS A 17 0.24 6.09 -5.33
CA HIS A 17 1.69 6.02 -5.13
C HIS A 17 2.02 6.44 -3.70
N GLN A 18 1.07 6.22 -2.80
CA GLN A 18 1.21 6.61 -1.41
C GLN A 18 2.20 5.68 -0.74
N CYS A 19 3.35 6.21 -0.36
CA CYS A 19 4.37 5.43 0.28
C CYS A 19 4.08 5.25 1.75
N ILE A 20 3.49 4.11 2.08
CA ILE A 20 3.21 3.76 3.46
C ILE A 20 4.07 2.59 3.86
N SER A 21 4.01 2.19 5.12
CA SER A 21 4.73 1.02 5.55
C SER A 21 4.05 -0.24 5.04
N LYS A 22 4.83 -1.26 4.74
CA LYS A 22 4.29 -2.56 4.36
C LYS A 22 3.56 -3.18 5.54
N ASN A 23 3.78 -2.62 6.73
CA ASN A 23 3.09 -3.08 7.93
C ASN A 23 1.74 -2.40 8.06
N TRP A 24 1.54 -1.32 7.30
CA TRP A 24 0.27 -0.60 7.32
C TRP A 24 -0.66 -1.17 6.27
N VAL A 25 -0.11 -2.03 5.44
CA VAL A 25 -0.89 -2.74 4.43
C VAL A 25 -1.81 -3.74 5.11
N CYS A 26 -3.11 -3.55 4.92
CA CYS A 26 -4.12 -4.43 5.50
C CYS A 26 -4.09 -4.32 7.03
N ASP A 27 -4.09 -3.08 7.52
CA ASP A 27 -4.04 -2.83 8.95
C ASP A 27 -5.34 -2.22 9.42
N THR A 28 -6.33 -2.21 8.52
CA THR A 28 -7.67 -1.69 8.77
C THR A 28 -7.66 -0.25 9.26
N ASP A 29 -6.60 0.49 8.92
CA ASP A 29 -6.54 1.91 9.20
C ASP A 29 -6.17 2.67 7.94
N ASN A 30 -6.80 3.82 7.72
CA ASN A 30 -6.67 4.53 6.47
C ASN A 30 -5.35 5.28 6.38
N ASP A 31 -4.42 4.70 5.63
CA ASP A 31 -3.14 5.33 5.35
C ASP A 31 -3.03 5.62 3.85
N CYS A 32 -3.81 4.91 3.06
CA CYS A 32 -3.88 5.16 1.63
C CYS A 32 -5.30 5.52 1.20
N GLY A 33 -5.42 6.47 0.27
CA GLY A 33 -6.72 7.01 -0.10
C GLY A 33 -7.75 5.97 -0.47
N ASP A 34 -7.50 5.24 -1.55
CA ASP A 34 -8.43 4.22 -2.05
C ASP A 34 -8.57 3.06 -1.08
N GLY A 35 -7.64 2.98 -0.14
CA GLY A 35 -7.55 1.81 0.71
C GLY A 35 -7.05 0.63 -0.08
N SER A 36 -6.20 0.93 -1.06
CA SER A 36 -5.69 -0.07 -1.97
C SER A 36 -4.75 -1.03 -1.24
N ASP A 37 -4.15 -0.54 -0.16
CA ASP A 37 -3.31 -1.38 0.68
C ASP A 37 -4.19 -2.39 1.42
N GLU A 38 -5.40 -1.98 1.75
CA GLU A 38 -6.35 -2.85 2.44
C GLU A 38 -6.98 -3.82 1.45
N LYS A 39 -7.29 -3.32 0.26
CA LYS A 39 -7.97 -4.12 -0.75
C LYS A 39 -7.06 -5.21 -1.27
N ASN A 40 -5.76 -5.00 -1.20
CA ASN A 40 -4.78 -6.01 -1.58
C ASN A 40 -4.60 -6.99 -0.40
N CYS A 41 -5.72 -7.36 0.20
CA CYS A 41 -5.73 -8.22 1.36
C CYS A 41 -7.17 -8.63 1.68
N ASN A 42 -8.04 -7.64 1.82
CA ASN A 42 -9.45 -7.91 2.09
C ASN A 42 -10.31 -7.44 0.92
N SER A 43 -10.65 -8.39 0.04
CA SER A 43 -11.51 -8.10 -1.09
C SER A 43 -11.98 -9.41 -1.73
N THR A 44 -13.25 -9.47 -2.08
CA THR A 44 -13.81 -10.65 -2.71
C THR A 44 -13.68 -10.58 -4.23
N GLU A 45 -12.46 -10.25 -4.67
CA GLU A 45 -12.19 -10.09 -6.10
C GLU A 45 -12.25 -11.41 -6.84
N THR A 46 -12.26 -12.51 -6.09
CA THR A 46 -12.40 -13.84 -6.65
C THR A 46 -13.83 -14.06 -7.13
N THR A 1 12.20 12.01 -18.48
CA THR A 1 11.93 13.19 -17.66
C THR A 1 11.67 12.80 -16.21
N HIS A 2 12.75 12.48 -15.49
CA HIS A 2 12.68 12.09 -14.08
C HIS A 2 11.89 10.78 -13.92
N ALA A 3 12.59 9.67 -14.09
CA ALA A 3 11.98 8.36 -13.94
C ALA A 3 11.57 8.11 -12.49
N PRO A 4 10.31 7.69 -12.25
CA PRO A 4 9.82 7.43 -10.90
C PRO A 4 10.62 6.35 -10.19
N ALA A 5 11.13 6.69 -9.02
CA ALA A 5 11.93 5.77 -8.23
C ALA A 5 11.04 4.89 -7.38
N SER A 6 11.53 3.71 -7.05
CA SER A 6 10.80 2.79 -6.18
C SER A 6 10.96 3.21 -4.74
N CYS A 7 9.85 3.20 -4.01
CA CYS A 7 9.83 3.59 -2.61
C CYS A 7 10.58 2.58 -1.75
N LEU A 8 10.67 2.86 -0.46
CA LEU A 8 11.43 2.04 0.50
C LEU A 8 11.11 0.57 0.33
N ASP A 9 12.09 -0.27 0.67
CA ASP A 9 11.90 -1.72 0.61
C ASP A 9 10.79 -2.15 1.57
N THR A 10 10.60 -1.36 2.62
CA THR A 10 9.54 -1.59 3.56
C THR A 10 8.34 -0.70 3.28
N GLN A 11 8.40 0.05 2.20
CA GLN A 11 7.28 0.89 1.79
C GLN A 11 6.46 0.23 0.69
N TYR A 12 5.17 0.50 0.75
CA TYR A 12 4.24 0.05 -0.26
C TYR A 12 3.82 1.23 -1.11
N THR A 13 3.62 1.00 -2.38
CA THR A 13 3.24 2.06 -3.29
C THR A 13 1.72 2.05 -3.47
N CYS A 14 1.06 2.97 -2.77
CA CYS A 14 -0.40 2.98 -2.72
C CYS A 14 -1.06 3.34 -4.03
N ASP A 15 -2.38 3.19 -4.05
CA ASP A 15 -3.22 3.62 -5.15
C ASP A 15 -2.92 5.06 -5.57
N ASN A 16 -2.89 5.96 -4.58
CA ASN A 16 -2.62 7.37 -4.80
C ASN A 16 -1.14 7.62 -5.04
N HIS A 17 -0.37 6.54 -5.19
CA HIS A 17 1.08 6.60 -5.41
C HIS A 17 1.82 7.06 -4.15
N GLN A 18 1.06 7.26 -3.08
CA GLN A 18 1.65 7.56 -1.78
C GLN A 18 2.29 6.29 -1.24
N CYS A 19 3.47 6.39 -0.66
CA CYS A 19 4.14 5.22 -0.18
C CYS A 19 4.09 5.14 1.34
N ILE A 20 3.46 4.06 1.81
CA ILE A 20 3.27 3.84 3.23
C ILE A 20 4.15 2.68 3.68
N SER A 21 4.18 2.43 4.97
CA SER A 21 4.90 1.27 5.48
C SER A 21 4.09 0.01 5.18
N LYS A 22 4.77 -1.04 4.73
CA LYS A 22 4.11 -2.31 4.38
C LYS A 22 3.43 -2.91 5.61
N ASN A 23 3.88 -2.48 6.79
CA ASN A 23 3.27 -2.89 8.06
C ASN A 23 1.83 -2.39 8.16
N TRP A 24 1.55 -1.30 7.47
CA TRP A 24 0.23 -0.68 7.50
C TRP A 24 -0.71 -1.39 6.55
N VAL A 25 -0.14 -2.12 5.61
CA VAL A 25 -0.92 -2.81 4.59
C VAL A 25 -1.77 -3.90 5.21
N CYS A 26 -3.08 -3.76 5.06
CA CYS A 26 -4.04 -4.74 5.58
C CYS A 26 -4.03 -4.73 7.11
N ASP A 27 -4.22 -3.55 7.68
CA ASP A 27 -4.26 -3.40 9.13
C ASP A 27 -5.64 -2.89 9.56
N THR A 28 -6.63 -3.20 8.75
CA THR A 28 -8.02 -2.77 8.94
C THR A 28 -8.14 -1.25 9.10
N ASP A 29 -7.33 -0.53 8.33
CA ASP A 29 -7.38 0.93 8.32
C ASP A 29 -6.91 1.45 6.97
N ASN A 30 -7.67 2.35 6.38
CA ASN A 30 -7.35 2.90 5.06
C ASN A 30 -6.20 3.89 5.15
N ASP A 31 -5.00 3.45 4.77
CA ASP A 31 -3.84 4.34 4.79
C ASP A 31 -3.64 4.98 3.44
N CYS A 32 -3.88 4.22 2.39
CA CYS A 32 -3.79 4.72 1.03
C CYS A 32 -4.94 5.67 0.72
N GLY A 33 -4.99 6.18 -0.51
CA GLY A 33 -6.02 7.12 -0.88
C GLY A 33 -7.37 6.46 -1.00
N ASP A 34 -7.43 5.39 -1.78
CA ASP A 34 -8.65 4.63 -1.96
C ASP A 34 -8.71 3.48 -0.96
N GLY A 35 -7.54 3.03 -0.55
CA GLY A 35 -7.45 1.95 0.41
C GLY A 35 -6.92 0.69 -0.19
N SER A 36 -6.07 0.85 -1.21
CA SER A 36 -5.52 -0.27 -1.95
C SER A 36 -4.67 -1.18 -1.06
N ASP A 37 -4.10 -0.61 0.01
CA ASP A 37 -3.28 -1.38 0.94
C ASP A 37 -4.15 -2.38 1.70
N GLU A 38 -5.41 -2.05 1.84
CA GLU A 38 -6.35 -2.93 2.52
C GLU A 38 -6.95 -3.93 1.54
N LYS A 39 -7.11 -3.52 0.29
CA LYS A 39 -7.70 -4.38 -0.73
C LYS A 39 -6.71 -5.45 -1.16
N ASN A 40 -5.43 -5.11 -1.08
CA ASN A 40 -4.35 -6.02 -1.44
C ASN A 40 -4.05 -6.94 -0.25
N CYS A 41 -4.99 -7.81 0.05
CA CYS A 41 -4.86 -8.70 1.20
C CYS A 41 -5.96 -9.76 1.18
N ASN A 42 -5.56 -11.02 1.01
CA ASN A 42 -6.46 -12.18 0.96
C ASN A 42 -7.76 -11.86 0.20
N SER A 43 -7.60 -11.46 -1.05
CA SER A 43 -8.73 -11.07 -1.87
C SER A 43 -9.59 -12.28 -2.23
N THR A 44 -9.17 -13.01 -3.24
CA THR A 44 -9.89 -14.20 -3.65
C THR A 44 -9.35 -15.45 -2.94
N GLU A 45 -9.75 -15.64 -1.70
CA GLU A 45 -9.31 -16.81 -0.95
C GLU A 45 -10.32 -17.95 -1.08
N THR A 46 -11.52 -17.59 -1.51
CA THR A 46 -12.58 -18.56 -1.82
C THR A 46 -12.93 -19.41 -0.60
N THR A 1 13.58 9.81 -19.63
CA THR A 1 13.02 8.58 -19.05
C THR A 1 12.38 8.87 -17.70
N HIS A 2 11.05 8.83 -17.65
CA HIS A 2 10.33 9.05 -16.40
C HIS A 2 10.44 7.83 -15.49
N ALA A 3 10.64 8.08 -14.22
CA ALA A 3 10.83 7.02 -13.25
C ALA A 3 9.54 6.76 -12.47
N PRO A 4 9.19 5.48 -12.29
CA PRO A 4 8.05 5.07 -11.46
C PRO A 4 8.25 5.47 -10.00
N ALA A 5 7.19 5.38 -9.22
CA ALA A 5 7.23 5.75 -7.81
C ALA A 5 7.84 4.62 -6.99
N SER A 6 9.17 4.63 -6.87
CA SER A 6 9.87 3.64 -6.09
C SER A 6 9.94 4.04 -4.63
N CYS A 7 9.02 3.52 -3.83
CA CYS A 7 9.01 3.78 -2.40
C CYS A 7 10.09 2.98 -1.70
N LEU A 8 10.09 3.03 -0.37
CA LEU A 8 11.09 2.33 0.44
C LEU A 8 11.02 0.82 0.19
N ASP A 9 12.08 0.12 0.56
CA ASP A 9 12.10 -1.33 0.43
C ASP A 9 11.02 -1.94 1.31
N THR A 10 10.85 -1.36 2.48
CA THR A 10 9.86 -1.82 3.44
C THR A 10 8.57 -0.99 3.35
N GLN A 11 8.50 -0.11 2.37
CA GLN A 11 7.29 0.66 2.12
C GLN A 11 6.48 0.06 0.97
N TYR A 12 5.22 0.42 0.93
CA TYR A 12 4.31 -0.03 -0.11
C TYR A 12 3.87 1.16 -0.96
N THR A 13 3.51 0.88 -2.20
CA THR A 13 3.02 1.89 -3.12
C THR A 13 1.53 1.69 -3.38
N CYS A 14 0.71 2.57 -2.81
CA CYS A 14 -0.74 2.49 -2.97
C CYS A 14 -1.17 2.96 -4.36
N ASP A 15 -2.46 2.85 -4.66
CA ASP A 15 -2.99 3.24 -5.97
C ASP A 15 -2.78 4.75 -6.19
N ASN A 16 -2.76 5.50 -5.10
CA ASN A 16 -2.56 6.94 -5.15
C ASN A 16 -1.06 7.25 -5.25
N HIS A 17 -0.25 6.22 -5.47
CA HIS A 17 1.20 6.34 -5.50
C HIS A 17 1.73 6.80 -4.15
N GLN A 18 0.97 6.49 -3.10
CA GLN A 18 1.32 6.86 -1.76
C GLN A 18 2.25 5.82 -1.15
N CYS A 19 3.35 6.28 -0.57
CA CYS A 19 4.32 5.39 0.04
C CYS A 19 4.06 5.25 1.54
N ILE A 20 3.45 4.13 1.93
CA ILE A 20 3.21 3.82 3.33
C ILE A 20 4.09 2.66 3.77
N SER A 21 4.05 2.36 5.05
CA SER A 21 4.76 1.20 5.57
C SER A 21 4.07 -0.09 5.14
N LYS A 22 4.85 -1.11 4.79
CA LYS A 22 4.29 -2.41 4.45
C LYS A 22 3.60 -3.05 5.66
N ASN A 23 3.91 -2.52 6.84
CA ASN A 23 3.27 -3.00 8.07
C ASN A 23 1.86 -2.43 8.18
N TRP A 24 1.63 -1.32 7.48
CA TRP A 24 0.34 -0.65 7.51
C TRP A 24 -0.60 -1.24 6.48
N VAL A 25 -0.06 -2.08 5.61
CA VAL A 25 -0.84 -2.74 4.59
C VAL A 25 -1.76 -3.78 5.21
N CYS A 26 -3.05 -3.62 4.98
CA CYS A 26 -4.08 -4.55 5.47
C CYS A 26 -4.10 -4.53 7.00
N ASP A 27 -4.17 -3.32 7.55
CA ASP A 27 -4.17 -3.15 9.00
C ASP A 27 -5.51 -2.57 9.45
N THR A 28 -6.50 -2.63 8.57
CA THR A 28 -7.85 -2.10 8.80
C THR A 28 -7.82 -0.61 9.15
N ASP A 29 -6.83 0.10 8.63
CA ASP A 29 -6.76 1.55 8.79
C ASP A 29 -6.45 2.21 7.46
N ASN A 30 -7.10 3.34 7.21
CA ASN A 30 -6.91 4.07 5.95
C ASN A 30 -5.70 4.99 6.01
N ASP A 31 -4.53 4.36 6.06
CA ASP A 31 -3.26 5.07 5.90
C ASP A 31 -3.21 5.67 4.51
N CYS A 32 -3.58 4.87 3.53
CA CYS A 32 -3.80 5.36 2.18
C CYS A 32 -5.28 5.67 1.98
N GLY A 33 -5.58 6.80 1.35
CA GLY A 33 -6.94 7.31 1.28
C GLY A 33 -7.94 6.29 0.76
N ASP A 34 -7.66 5.74 -0.41
CA ASP A 34 -8.60 4.83 -1.07
C ASP A 34 -8.44 3.40 -0.56
N GLY A 35 -7.53 3.23 0.38
CA GLY A 35 -7.33 1.93 1.03
C GLY A 35 -6.95 0.84 0.06
N SER A 36 -6.09 1.16 -0.89
CA SER A 36 -5.63 0.18 -1.87
C SER A 36 -4.64 -0.79 -1.22
N ASP A 37 -4.11 -0.42 -0.07
CA ASP A 37 -3.25 -1.31 0.70
C ASP A 37 -4.10 -2.39 1.34
N GLU A 38 -5.32 -2.01 1.73
CA GLU A 38 -6.25 -2.94 2.35
C GLU A 38 -6.80 -3.90 1.29
N LYS A 39 -7.06 -3.37 0.09
CA LYS A 39 -7.55 -4.19 -1.01
C LYS A 39 -6.48 -5.18 -1.45
N ASN A 40 -5.23 -4.79 -1.24
CA ASN A 40 -4.09 -5.63 -1.55
C ASN A 40 -3.86 -6.61 -0.40
N CYS A 41 -4.87 -7.43 -0.14
CA CYS A 41 -4.86 -8.33 1.00
C CYS A 41 -6.14 -9.14 1.04
N ASN A 42 -7.26 -8.48 0.78
CA ASN A 42 -8.56 -9.12 0.82
C ASN A 42 -9.52 -8.44 -0.15
N SER A 43 -10.47 -9.22 -0.66
CA SER A 43 -11.52 -8.69 -1.50
C SER A 43 -12.76 -8.42 -0.69
N THR A 44 -13.14 -9.39 0.13
CA THR A 44 -14.34 -9.30 0.92
C THR A 44 -14.05 -8.69 2.30
N GLU A 45 -13.81 -7.39 2.32
CA GLU A 45 -13.52 -6.69 3.58
C GLU A 45 -14.71 -6.74 4.52
N THR A 46 -15.91 -6.73 3.94
CA THR A 46 -17.14 -6.81 4.72
C THR A 46 -17.45 -8.25 5.10
N THR A 1 12.01 10.46 -18.79
CA THR A 1 11.69 11.76 -18.15
C THR A 1 10.85 11.54 -16.88
N HIS A 2 11.20 12.26 -15.82
CA HIS A 2 10.47 12.24 -14.56
C HIS A 2 10.50 10.87 -13.90
N ALA A 3 11.46 10.69 -13.01
CA ALA A 3 11.63 9.44 -12.29
C ALA A 3 10.40 9.15 -11.42
N PRO A 4 9.79 7.97 -11.61
CA PRO A 4 8.60 7.56 -10.85
C PRO A 4 8.85 7.59 -9.34
N ALA A 5 7.81 7.94 -8.59
CA ALA A 5 7.90 8.01 -7.14
C ALA A 5 7.85 6.61 -6.53
N SER A 6 8.95 5.89 -6.65
CA SER A 6 9.06 4.56 -6.07
C SER A 6 9.31 4.65 -4.57
N CYS A 7 8.53 3.92 -3.79
CA CYS A 7 8.64 3.99 -2.35
C CYS A 7 9.80 3.16 -1.82
N LEU A 8 9.99 3.20 -0.51
CA LEU A 8 11.06 2.46 0.17
C LEU A 8 10.94 0.98 -0.13
N ASP A 9 12.05 0.25 0.01
CA ASP A 9 12.05 -1.19 -0.21
C ASP A 9 11.22 -1.88 0.87
N THR A 10 11.12 -1.23 2.02
CA THR A 10 10.31 -1.73 3.12
C THR A 10 8.95 -1.02 3.17
N GLN A 11 8.71 -0.13 2.22
CA GLN A 11 7.44 0.55 2.12
C GLN A 11 6.56 -0.06 1.05
N TYR A 12 5.29 0.27 1.10
CA TYR A 12 4.35 -0.13 0.08
C TYR A 12 3.95 1.08 -0.75
N THR A 13 3.64 0.84 -2.00
CA THR A 13 3.20 1.89 -2.90
C THR A 13 1.75 1.66 -3.28
N CYS A 14 0.85 2.43 -2.68
CA CYS A 14 -0.57 2.32 -2.97
C CYS A 14 -0.89 2.72 -4.40
N ASP A 15 -2.12 2.45 -4.84
CA ASP A 15 -2.50 2.64 -6.24
C ASP A 15 -2.23 4.07 -6.72
N ASN A 16 -2.61 5.06 -5.92
CA ASN A 16 -2.42 6.46 -6.29
C ASN A 16 -1.06 6.97 -5.82
N HIS A 17 -0.09 6.06 -5.76
CA HIS A 17 1.29 6.39 -5.41
C HIS A 17 1.40 7.02 -4.03
N GLN A 18 1.06 6.26 -3.01
CA GLN A 18 1.26 6.71 -1.64
C GLN A 18 2.22 5.76 -0.94
N CYS A 19 3.25 6.32 -0.33
CA CYS A 19 4.26 5.54 0.36
C CYS A 19 3.88 5.33 1.82
N ILE A 20 3.59 4.09 2.16
CA ILE A 20 3.28 3.73 3.54
C ILE A 20 4.11 2.54 3.97
N SER A 21 4.08 2.23 5.24
CA SER A 21 4.75 1.05 5.75
C SER A 21 4.02 -0.20 5.31
N LYS A 22 4.76 -1.27 5.04
CA LYS A 22 4.16 -2.54 4.69
C LYS A 22 3.46 -3.14 5.92
N ASN A 23 3.70 -2.54 7.08
CA ASN A 23 3.00 -2.91 8.30
C ASN A 23 1.62 -2.27 8.32
N TRP A 24 1.47 -1.22 7.52
CA TRP A 24 0.20 -0.50 7.45
C TRP A 24 -0.70 -1.14 6.40
N VAL A 25 -0.13 -1.99 5.58
CA VAL A 25 -0.89 -2.69 4.55
C VAL A 25 -1.82 -3.72 5.18
N CYS A 26 -3.11 -3.56 4.94
CA CYS A 26 -4.12 -4.47 5.47
C CYS A 26 -4.15 -4.40 7.00
N ASP A 27 -4.19 -3.19 7.51
CA ASP A 27 -4.22 -2.96 8.96
C ASP A 27 -5.55 -2.34 9.35
N THR A 28 -6.49 -2.36 8.40
CA THR A 28 -7.84 -1.81 8.57
C THR A 28 -7.82 -0.34 8.97
N ASP A 29 -6.80 0.39 8.52
CA ASP A 29 -6.74 1.83 8.73
C ASP A 29 -6.42 2.54 7.43
N ASN A 30 -6.97 3.73 7.27
CA ASN A 30 -6.82 4.50 6.04
C ASN A 30 -5.51 5.27 6.04
N ASP A 31 -4.47 4.62 5.55
CA ASP A 31 -3.15 5.23 5.46
C ASP A 31 -2.91 5.74 4.04
N CYS A 32 -3.70 5.23 3.10
CA CYS A 32 -3.66 5.70 1.73
C CYS A 32 -5.01 6.28 1.33
N GLY A 33 -5.00 7.30 0.49
CA GLY A 33 -6.24 7.97 0.10
C GLY A 33 -7.00 7.21 -0.98
N ASP A 34 -7.15 5.91 -0.78
CA ASP A 34 -7.89 5.05 -1.70
C ASP A 34 -8.23 3.72 -1.04
N GLY A 35 -7.32 3.24 -0.21
CA GLY A 35 -7.55 1.99 0.50
C GLY A 35 -7.03 0.80 -0.26
N SER A 36 -6.16 1.06 -1.23
CA SER A 36 -5.61 0.01 -2.08
C SER A 36 -4.69 -0.92 -1.30
N ASP A 37 -4.15 -0.43 -0.19
CA ASP A 37 -3.30 -1.26 0.68
C ASP A 37 -4.14 -2.33 1.36
N GLU A 38 -5.39 -1.98 1.65
CA GLU A 38 -6.30 -2.89 2.31
C GLU A 38 -6.88 -3.90 1.30
N LYS A 39 -6.93 -3.48 0.04
CA LYS A 39 -7.58 -4.30 -0.98
C LYS A 39 -6.64 -5.38 -1.52
N ASN A 40 -5.34 -5.14 -1.46
CA ASN A 40 -4.37 -6.10 -1.97
C ASN A 40 -4.00 -7.11 -0.89
N CYS A 41 -4.84 -7.20 0.14
CA CYS A 41 -4.60 -8.10 1.26
C CYS A 41 -4.90 -9.55 0.87
N ASN A 42 -4.15 -10.06 -0.08
CA ASN A 42 -4.25 -11.44 -0.52
C ASN A 42 -2.89 -11.90 -1.04
N SER A 43 -1.85 -11.42 -0.37
CA SER A 43 -0.47 -11.69 -0.78
C SER A 43 -0.13 -13.16 -0.64
N THR A 44 0.79 -13.63 -1.47
CA THR A 44 1.24 -15.00 -1.43
C THR A 44 2.07 -15.26 -0.17
N GLU A 45 1.41 -15.78 0.85
CA GLU A 45 2.06 -16.08 2.12
C GLU A 45 3.04 -17.24 1.95
N THR A 46 2.77 -18.07 0.96
CA THR A 46 3.66 -19.16 0.60
C THR A 46 4.55 -18.73 -0.57
N THR A 1 4.63 19.94 -10.36
CA THR A 1 4.21 18.78 -9.57
C THR A 1 5.39 17.84 -9.31
N HIS A 2 5.69 17.60 -8.05
CA HIS A 2 6.75 16.66 -7.69
C HIS A 2 6.39 15.26 -8.18
N ALA A 3 7.21 14.74 -9.08
CA ALA A 3 7.00 13.41 -9.63
C ALA A 3 7.11 12.36 -8.54
N PRO A 4 6.11 11.48 -8.43
CA PRO A 4 6.10 10.44 -7.40
C PRO A 4 7.19 9.40 -7.66
N ALA A 5 8.10 9.28 -6.72
CA ALA A 5 9.23 8.39 -6.87
C ALA A 5 8.90 7.01 -6.32
N SER A 6 9.84 6.08 -6.46
CA SER A 6 9.69 4.75 -5.92
C SER A 6 9.76 4.81 -4.39
N CYS A 7 8.90 4.04 -3.74
CA CYS A 7 8.86 4.04 -2.29
C CYS A 7 10.00 3.19 -1.74
N LEU A 8 10.16 3.22 -0.43
CA LEU A 8 11.17 2.41 0.25
C LEU A 8 10.96 0.94 -0.07
N ASP A 9 12.05 0.18 -0.06
CA ASP A 9 11.96 -1.26 -0.27
C ASP A 9 11.18 -1.93 0.86
N THR A 10 11.15 -1.27 2.00
CA THR A 10 10.36 -1.75 3.14
C THR A 10 9.05 -0.97 3.25
N GLN A 11 8.77 -0.13 2.26
CA GLN A 11 7.50 0.56 2.17
C GLN A 11 6.63 -0.03 1.09
N TYR A 12 5.37 0.35 1.11
CA TYR A 12 4.42 -0.08 0.11
C TYR A 12 4.09 1.07 -0.83
N THR A 13 3.75 0.74 -2.06
CA THR A 13 3.38 1.72 -3.06
C THR A 13 1.88 1.65 -3.33
N CYS A 14 1.16 2.70 -2.98
CA CYS A 14 -0.28 2.74 -3.17
C CYS A 14 -0.62 2.98 -4.63
N ASP A 15 -1.89 2.78 -4.99
CA ASP A 15 -2.35 3.04 -6.35
C ASP A 15 -2.05 4.49 -6.75
N ASN A 16 -2.20 5.40 -5.79
CA ASN A 16 -1.96 6.83 -6.02
C ASN A 16 -0.47 7.15 -5.99
N HIS A 17 0.37 6.10 -6.03
CA HIS A 17 1.83 6.25 -5.96
C HIS A 17 2.25 6.83 -4.62
N GLN A 18 1.43 6.60 -3.60
CA GLN A 18 1.73 7.06 -2.26
C GLN A 18 2.56 6.01 -1.54
N CYS A 19 3.38 6.44 -0.59
CA CYS A 19 4.28 5.53 0.10
C CYS A 19 3.90 5.38 1.57
N ILE A 20 3.47 4.18 1.93
CA ILE A 20 3.13 3.87 3.31
C ILE A 20 3.99 2.72 3.81
N SER A 21 3.95 2.46 5.11
CA SER A 21 4.66 1.33 5.68
C SER A 21 3.96 0.03 5.31
N LYS A 22 4.74 -1.02 5.12
CA LYS A 22 4.20 -2.32 4.80
C LYS A 22 3.41 -2.88 5.98
N ASN A 23 3.63 -2.30 7.16
CA ASN A 23 2.91 -2.74 8.36
C ASN A 23 1.47 -2.25 8.32
N TRP A 24 1.22 -1.20 7.54
CA TRP A 24 -0.11 -0.63 7.45
C TRP A 24 -0.97 -1.45 6.52
N VAL A 25 -0.33 -2.18 5.63
CA VAL A 25 -1.04 -2.97 4.63
C VAL A 25 -1.87 -4.07 5.29
N CYS A 26 -3.18 -3.97 5.12
CA CYS A 26 -4.11 -4.97 5.65
C CYS A 26 -4.06 -4.96 7.18
N ASP A 27 -4.22 -3.76 7.74
CA ASP A 27 -4.28 -3.60 9.20
C ASP A 27 -5.70 -3.21 9.60
N THR A 28 -6.62 -3.39 8.66
CA THR A 28 -8.06 -3.09 8.80
C THR A 28 -8.32 -1.59 8.96
N ASP A 29 -7.27 -0.79 8.77
CA ASP A 29 -7.40 0.65 8.73
C ASP A 29 -6.90 1.16 7.39
N ASN A 30 -7.83 1.52 6.51
CA ASN A 30 -7.49 1.88 5.14
C ASN A 30 -6.53 3.07 5.08
N ASP A 31 -5.43 2.90 4.35
CA ASP A 31 -4.46 3.97 4.15
C ASP A 31 -4.48 4.37 2.69
N CYS A 32 -3.54 5.24 2.29
CA CYS A 32 -3.42 5.66 0.90
C CYS A 32 -4.62 6.49 0.46
N GLY A 33 -5.47 6.86 1.40
CA GLY A 33 -6.69 7.59 1.09
C GLY A 33 -7.76 6.72 0.45
N ASP A 34 -7.36 5.92 -0.53
CA ASP A 34 -8.29 5.08 -1.27
C ASP A 34 -8.34 3.66 -0.71
N GLY A 35 -7.45 3.35 0.21
CA GLY A 35 -7.46 2.04 0.84
C GLY A 35 -6.91 0.96 -0.05
N SER A 36 -5.97 1.33 -0.90
CA SER A 36 -5.39 0.40 -1.85
C SER A 36 -4.44 -0.59 -1.16
N ASP A 37 -4.28 -0.43 0.14
CA ASP A 37 -3.45 -1.33 0.92
C ASP A 37 -4.32 -2.41 1.55
N GLU A 38 -5.58 -2.08 1.78
CA GLU A 38 -6.51 -3.03 2.41
C GLU A 38 -7.25 -3.81 1.34
N LYS A 39 -7.09 -3.43 0.08
CA LYS A 39 -7.78 -4.09 -1.02
C LYS A 39 -7.28 -5.52 -1.19
N ASN A 40 -6.04 -5.75 -0.82
CA ASN A 40 -5.47 -7.10 -0.84
C ASN A 40 -5.86 -7.84 0.43
N CYS A 41 -6.48 -7.11 1.33
CA CYS A 41 -6.90 -7.64 2.63
C CYS A 41 -8.37 -8.06 2.57
N ASN A 42 -8.88 -8.17 1.33
CA ASN A 42 -10.28 -8.49 1.04
C ASN A 42 -11.23 -7.72 1.95
N SER A 43 -11.08 -6.41 1.97
CA SER A 43 -11.93 -5.55 2.77
C SER A 43 -13.37 -5.61 2.27
N THR A 44 -14.30 -5.82 3.18
CA THR A 44 -15.71 -5.95 2.83
C THR A 44 -16.35 -4.58 2.60
N GLU A 45 -15.65 -3.74 1.85
CA GLU A 45 -16.09 -2.37 1.61
C GLU A 45 -17.01 -2.29 0.40
N THR A 46 -17.12 -3.38 -0.35
CA THR A 46 -17.97 -3.42 -1.53
C THR A 46 -19.43 -3.69 -1.13
N THR A 1 14.27 8.94 -20.21
CA THR A 1 13.76 10.20 -19.63
C THR A 1 12.91 9.90 -18.40
N HIS A 2 12.99 10.79 -17.40
CA HIS A 2 12.24 10.65 -16.15
C HIS A 2 12.67 9.38 -15.41
N ALA A 3 13.61 9.54 -14.48
CA ALA A 3 14.10 8.43 -13.69
C ALA A 3 13.02 7.91 -12.75
N PRO A 4 12.66 6.62 -12.88
CA PRO A 4 11.65 6.00 -12.02
C PRO A 4 12.12 5.91 -10.56
N ALA A 5 11.32 6.43 -9.66
CA ALA A 5 11.67 6.45 -8.24
C ALA A 5 10.51 5.91 -7.41
N SER A 6 10.61 4.65 -7.01
CA SER A 6 9.57 4.03 -6.20
C SER A 6 9.81 4.31 -4.71
N CYS A 7 8.94 3.77 -3.88
CA CYS A 7 9.01 4.00 -2.44
C CYS A 7 10.20 3.28 -1.81
N LEU A 8 10.28 3.34 -0.48
CA LEU A 8 11.32 2.66 0.28
C LEU A 8 11.25 1.16 0.05
N ASP A 9 12.33 0.46 0.34
CA ASP A 9 12.34 -1.00 0.23
C ASP A 9 11.35 -1.61 1.23
N THR A 10 11.23 -0.98 2.39
CA THR A 10 10.31 -1.44 3.41
C THR A 10 8.94 -0.80 3.25
N GLN A 11 8.81 0.10 2.28
CA GLN A 11 7.55 0.77 2.05
C GLN A 11 6.73 0.09 0.98
N TYR A 12 5.44 0.33 1.05
CA TYR A 12 4.48 -0.16 0.08
C TYR A 12 4.11 0.99 -0.84
N THR A 13 3.76 0.66 -2.06
CA THR A 13 3.38 1.65 -3.04
C THR A 13 1.92 1.46 -3.43
N CYS A 14 1.05 2.28 -2.84
CA CYS A 14 -0.37 2.24 -3.14
C CYS A 14 -0.61 2.52 -4.62
N ASP A 15 -1.81 2.16 -5.10
CA ASP A 15 -2.19 2.39 -6.49
C ASP A 15 -2.34 3.90 -6.76
N ASN A 16 -2.17 4.68 -5.70
CA ASN A 16 -2.21 6.14 -5.78
C ASN A 16 -0.80 6.72 -5.69
N HIS A 17 0.20 5.85 -5.88
CA HIS A 17 1.61 6.23 -5.73
C HIS A 17 1.89 6.76 -4.34
N GLN A 18 1.16 6.25 -3.36
CA GLN A 18 1.33 6.66 -1.98
C GLN A 18 2.26 5.71 -1.26
N CYS A 19 3.31 6.24 -0.66
CA CYS A 19 4.25 5.42 0.07
C CYS A 19 3.84 5.28 1.53
N ILE A 20 3.62 4.06 1.95
CA ILE A 20 3.29 3.76 3.35
C ILE A 20 4.13 2.58 3.83
N SER A 21 4.05 2.27 5.10
CA SER A 21 4.72 1.09 5.64
C SER A 21 4.00 -0.18 5.16
N LYS A 22 4.78 -1.21 4.84
CA LYS A 22 4.22 -2.50 4.48
C LYS A 22 3.47 -3.11 5.65
N ASN A 23 3.80 -2.66 6.86
CA ASN A 23 3.14 -3.15 8.06
C ASN A 23 1.76 -2.51 8.23
N TRP A 24 1.52 -1.46 7.47
CA TRP A 24 0.23 -0.78 7.49
C TRP A 24 -0.74 -1.45 6.52
N VAL A 25 -0.20 -2.22 5.60
CA VAL A 25 -1.01 -2.85 4.57
C VAL A 25 -1.94 -3.90 5.16
N CYS A 26 -3.24 -3.70 4.96
CA CYS A 26 -4.27 -4.62 5.46
C CYS A 26 -4.23 -4.69 6.98
N ASP A 27 -4.33 -3.53 7.61
CA ASP A 27 -4.33 -3.43 9.07
C ASP A 27 -5.66 -2.85 9.57
N THR A 28 -6.70 -3.09 8.78
CA THR A 28 -8.08 -2.62 9.04
C THR A 28 -8.16 -1.09 9.13
N ASP A 29 -7.14 -0.42 8.63
CA ASP A 29 -7.13 1.04 8.59
C ASP A 29 -6.69 1.52 7.22
N ASN A 30 -7.54 2.26 6.54
CA ASN A 30 -7.24 2.72 5.19
C ASN A 30 -6.13 3.77 5.20
N ASP A 31 -4.94 3.38 4.76
CA ASP A 31 -3.78 4.27 4.78
C ASP A 31 -3.62 4.96 3.44
N CYS A 32 -3.83 4.23 2.37
CA CYS A 32 -3.80 4.82 1.05
C CYS A 32 -5.06 5.65 0.83
N GLY A 33 -4.97 6.68 -0.02
CA GLY A 33 -6.13 7.53 -0.27
C GLY A 33 -7.38 6.74 -0.59
N ASP A 34 -7.31 5.93 -1.65
CA ASP A 34 -8.44 5.09 -2.05
C ASP A 34 -8.59 3.90 -1.12
N GLY A 35 -7.50 3.55 -0.44
CA GLY A 35 -7.52 2.42 0.48
C GLY A 35 -7.04 1.13 -0.16
N SER A 36 -6.17 1.26 -1.15
CA SER A 36 -5.72 0.11 -1.92
C SER A 36 -4.89 -0.86 -1.07
N ASP A 37 -4.33 -0.38 0.03
CA ASP A 37 -3.52 -1.22 0.91
C ASP A 37 -4.40 -2.21 1.66
N GLU A 38 -5.66 -1.84 1.84
CA GLU A 38 -6.62 -2.70 2.49
C GLU A 38 -7.32 -3.60 1.49
N LYS A 39 -7.46 -3.11 0.26
CA LYS A 39 -8.12 -3.88 -0.79
C LYS A 39 -7.21 -4.98 -1.30
N ASN A 40 -5.91 -4.71 -1.28
CA ASN A 40 -4.91 -5.69 -1.67
C ASN A 40 -4.63 -6.63 -0.50
N CYS A 41 -5.60 -7.45 -0.18
CA CYS A 41 -5.49 -8.38 0.94
C CYS A 41 -6.54 -9.46 0.81
N ASN A 42 -6.65 -10.02 -0.38
CA ASN A 42 -7.63 -11.07 -0.65
C ASN A 42 -6.91 -12.37 -0.98
N SER A 43 -7.65 -13.46 -0.96
CA SER A 43 -7.11 -14.79 -1.22
C SER A 43 -5.97 -15.12 -0.28
N THR A 44 -6.31 -15.29 0.97
CA THR A 44 -5.35 -15.58 2.01
C THR A 44 -5.17 -17.09 2.17
N GLU A 45 -4.25 -17.65 1.39
CA GLU A 45 -4.00 -19.08 1.40
C GLU A 45 -3.47 -19.54 2.75
N THR A 46 -2.82 -18.64 3.47
CA THR A 46 -2.29 -18.95 4.79
C THR A 46 -3.42 -19.09 5.82
N THR A 1 2.08 -5.03 -7.24
CA THR A 1 0.85 -4.33 -7.64
C THR A 1 0.85 -3.96 -9.12
N HIS A 2 1.77 -4.57 -9.89
CA HIS A 2 1.92 -4.30 -11.33
C HIS A 2 2.52 -2.91 -11.57
N ALA A 3 1.84 -1.90 -11.08
CA ALA A 3 2.34 -0.53 -11.14
C ALA A 3 3.67 -0.41 -10.41
N PRO A 4 4.67 0.23 -11.02
CA PRO A 4 6.02 0.36 -10.45
C PRO A 4 6.01 0.83 -9.00
N ALA A 5 6.55 0.00 -8.12
CA ALA A 5 6.59 0.30 -6.70
C ALA A 5 7.71 1.28 -6.39
N SER A 6 7.52 2.54 -6.75
CA SER A 6 8.51 3.57 -6.56
C SER A 6 8.51 4.09 -5.12
N CYS A 7 8.71 3.19 -4.18
CA CYS A 7 8.80 3.55 -2.77
C CYS A 7 9.94 2.80 -2.09
N LEU A 8 10.07 2.99 -0.79
CA LEU A 8 11.06 2.29 0.01
C LEU A 8 10.84 0.78 -0.06
N ASP A 9 11.89 0.01 0.20
CA ASP A 9 11.78 -1.45 0.20
C ASP A 9 10.93 -1.92 1.38
N THR A 10 10.86 -1.12 2.42
CA THR A 10 10.00 -1.38 3.56
C THR A 10 8.68 -0.63 3.43
N GLN A 11 8.55 0.14 2.36
CA GLN A 11 7.33 0.88 2.11
C GLN A 11 6.45 0.17 1.09
N TYR A 12 5.18 0.49 1.15
CA TYR A 12 4.21 -0.05 0.21
C TYR A 12 3.82 1.05 -0.76
N THR A 13 3.46 0.65 -1.96
CA THR A 13 3.11 1.61 -3.00
C THR A 13 1.64 1.49 -3.36
N CYS A 14 0.86 2.49 -2.95
CA CYS A 14 -0.58 2.50 -3.20
C CYS A 14 -0.88 2.67 -4.69
N ASP A 15 -2.15 2.50 -5.03
CA ASP A 15 -2.63 2.80 -6.37
C ASP A 15 -2.36 4.27 -6.70
N ASN A 16 -2.40 5.10 -5.67
CA ASN A 16 -2.17 6.54 -5.81
C ASN A 16 -0.67 6.85 -5.89
N HIS A 17 0.16 5.80 -5.89
CA HIS A 17 1.62 5.94 -5.86
C HIS A 17 2.06 6.59 -4.54
N GLN A 18 1.25 6.40 -3.51
CA GLN A 18 1.59 6.88 -2.17
C GLN A 18 2.42 5.83 -1.44
N CYS A 19 3.41 6.28 -0.70
CA CYS A 19 4.33 5.37 -0.03
C CYS A 19 4.03 5.29 1.47
N ILE A 20 3.38 4.19 1.88
CA ILE A 20 3.13 3.95 3.30
C ILE A 20 4.03 2.83 3.80
N SER A 21 3.89 2.46 5.06
CA SER A 21 4.64 1.35 5.62
C SER A 21 4.00 0.03 5.22
N LYS A 22 4.84 -0.96 4.90
CA LYS A 22 4.36 -2.31 4.58
C LYS A 22 3.70 -2.96 5.80
N ASN A 23 3.97 -2.42 6.99
CA ASN A 23 3.40 -2.97 8.21
C ASN A 23 1.97 -2.49 8.40
N TRP A 24 1.61 -1.43 7.69
CA TRP A 24 0.27 -0.87 7.77
C TRP A 24 -0.65 -1.49 6.74
N VAL A 25 -0.07 -2.27 5.84
CA VAL A 25 -0.83 -2.91 4.78
C VAL A 25 -1.77 -3.97 5.33
N CYS A 26 -3.06 -3.83 5.00
CA CYS A 26 -4.08 -4.80 5.40
C CYS A 26 -4.15 -4.89 6.92
N ASP A 27 -4.26 -3.75 7.56
CA ASP A 27 -4.33 -3.68 9.02
C ASP A 27 -5.72 -3.20 9.46
N THR A 28 -6.66 -3.32 8.53
CA THR A 28 -8.06 -2.90 8.72
C THR A 28 -8.19 -1.41 9.06
N ASP A 29 -7.23 -0.62 8.60
CA ASP A 29 -7.31 0.82 8.69
C ASP A 29 -6.72 1.45 7.44
N ASN A 30 -7.26 2.57 7.01
CA ASN A 30 -6.77 3.21 5.81
C ASN A 30 -5.67 4.22 6.14
N ASP A 31 -4.46 3.91 5.70
CA ASP A 31 -3.30 4.75 5.96
C ASP A 31 -2.94 5.55 4.73
N CYS A 32 -3.70 5.33 3.67
CA CYS A 32 -3.37 5.88 2.37
C CYS A 32 -4.57 6.64 1.80
N GLY A 33 -4.45 7.12 0.57
CA GLY A 33 -5.55 7.82 -0.05
C GLY A 33 -6.70 6.91 -0.40
N ASP A 34 -6.48 6.04 -1.39
CA ASP A 34 -7.52 5.13 -1.86
C ASP A 34 -7.80 4.03 -0.85
N GLY A 35 -6.78 3.65 -0.10
CA GLY A 35 -6.89 2.52 0.80
C GLY A 35 -6.55 1.24 0.08
N SER A 36 -5.73 1.36 -0.95
CA SER A 36 -5.39 0.25 -1.81
C SER A 36 -4.55 -0.80 -1.07
N ASP A 37 -3.97 -0.39 0.05
CA ASP A 37 -3.17 -1.31 0.87
C ASP A 37 -4.07 -2.35 1.52
N GLU A 38 -5.35 -2.01 1.63
CA GLU A 38 -6.33 -2.92 2.18
C GLU A 38 -7.03 -3.68 1.05
N LYS A 39 -7.32 -2.98 -0.05
CA LYS A 39 -8.09 -3.56 -1.15
C LYS A 39 -7.30 -4.65 -1.86
N ASN A 40 -5.97 -4.52 -1.87
CA ASN A 40 -5.11 -5.52 -2.48
C ASN A 40 -5.04 -6.75 -1.57
N CYS A 41 -5.41 -6.56 -0.32
CA CYS A 41 -5.52 -7.64 0.63
C CYS A 41 -6.97 -8.11 0.68
N ASN A 42 -7.48 -8.52 -0.46
CA ASN A 42 -8.88 -8.92 -0.60
C ASN A 42 -9.09 -10.35 -0.12
N SER A 43 -8.85 -10.57 1.15
CA SER A 43 -9.06 -11.88 1.75
C SER A 43 -10.08 -11.78 2.88
N THR A 44 -11.03 -12.70 2.88
CA THR A 44 -12.10 -12.70 3.88
C THR A 44 -11.57 -13.07 5.26
N GLU A 45 -11.32 -12.06 6.08
CA GLU A 45 -10.85 -12.28 7.45
C GLU A 45 -11.98 -12.84 8.31
N THR A 46 -13.21 -12.60 7.85
CA THR A 46 -14.41 -13.01 8.56
C THR A 46 -14.56 -12.22 9.87
N THR A 1 8.63 5.10 -19.50
CA THR A 1 9.82 5.25 -18.64
C THR A 1 10.35 3.88 -18.20
N HIS A 2 11.63 3.82 -17.87
CA HIS A 2 12.24 2.60 -17.36
C HIS A 2 12.41 2.68 -15.86
N ALA A 3 12.02 3.82 -15.29
CA ALA A 3 12.15 4.04 -13.86
C ALA A 3 10.81 3.83 -13.17
N PRO A 4 10.74 2.87 -12.23
CA PRO A 4 9.53 2.61 -11.45
C PRO A 4 9.29 3.68 -10.39
N ALA A 5 8.02 3.94 -10.10
CA ALA A 5 7.66 4.89 -9.06
C ALA A 5 7.44 4.17 -7.73
N SER A 6 8.27 3.16 -7.50
CA SER A 6 8.16 2.33 -6.31
C SER A 6 8.66 3.05 -5.07
N CYS A 7 8.08 2.70 -3.94
CA CYS A 7 8.43 3.31 -2.66
C CYS A 7 9.60 2.58 -2.01
N LEU A 8 9.86 2.92 -0.75
CA LEU A 8 10.95 2.37 0.03
C LEU A 8 10.96 0.84 0.00
N ASP A 9 12.08 0.24 0.37
CA ASP A 9 12.17 -1.21 0.41
C ASP A 9 11.17 -1.79 1.39
N THR A 10 11.00 -1.12 2.52
CA THR A 10 10.03 -1.53 3.52
C THR A 10 8.72 -0.76 3.36
N GLN A 11 8.59 -0.01 2.28
CA GLN A 11 7.37 0.73 2.03
C GLN A 11 6.60 0.16 0.86
N TYR A 12 5.30 0.33 0.94
CA TYR A 12 4.40 -0.15 -0.08
C TYR A 12 4.01 0.99 -1.00
N THR A 13 3.77 0.66 -2.24
CA THR A 13 3.40 1.64 -3.24
C THR A 13 1.94 1.45 -3.61
N CYS A 14 1.08 2.27 -3.04
CA CYS A 14 -0.35 2.16 -3.28
C CYS A 14 -0.73 2.61 -4.67
N ASP A 15 -1.98 2.43 -5.03
CA ASP A 15 -2.47 2.79 -6.36
C ASP A 15 -2.25 4.27 -6.64
N ASN A 16 -2.51 5.09 -5.63
CA ASN A 16 -2.33 6.53 -5.74
C ASN A 16 -0.88 6.92 -5.51
N HIS A 17 0.01 5.93 -5.55
CA HIS A 17 1.45 6.12 -5.39
C HIS A 17 1.80 6.65 -4.01
N GLN A 18 0.92 6.43 -3.04
CA GLN A 18 1.21 6.80 -1.67
C GLN A 18 2.17 5.80 -1.06
N CYS A 19 3.18 6.31 -0.37
CA CYS A 19 4.20 5.46 0.21
C CYS A 19 3.96 5.28 1.70
N ILE A 20 3.46 4.10 2.06
CA ILE A 20 3.23 3.75 3.45
C ILE A 20 4.11 2.58 3.84
N SER A 21 4.22 2.33 5.12
CA SER A 21 4.94 1.16 5.61
C SER A 21 4.13 -0.08 5.28
N LYS A 22 4.83 -1.15 4.87
CA LYS A 22 4.17 -2.39 4.50
C LYS A 22 3.46 -3.00 5.71
N ASN A 23 3.80 -2.50 6.90
CA ASN A 23 3.17 -2.94 8.13
C ASN A 23 1.75 -2.37 8.24
N TRP A 24 1.49 -1.30 7.49
CA TRP A 24 0.18 -0.67 7.50
C TRP A 24 -0.74 -1.35 6.50
N VAL A 25 -0.15 -2.09 5.58
CA VAL A 25 -0.90 -2.79 4.55
C VAL A 25 -1.78 -3.87 5.17
N CYS A 26 -3.08 -3.71 5.00
CA CYS A 26 -4.07 -4.64 5.56
C CYS A 26 -4.00 -4.61 7.08
N ASP A 27 -4.18 -3.43 7.64
CA ASP A 27 -4.25 -3.26 9.09
C ASP A 27 -5.64 -2.77 9.48
N THR A 28 -6.60 -3.07 8.61
CA THR A 28 -8.03 -2.78 8.81
C THR A 28 -8.31 -1.27 8.83
N ASP A 29 -7.34 -0.48 8.37
CA ASP A 29 -7.53 0.96 8.24
C ASP A 29 -6.99 1.43 6.89
N ASN A 30 -7.76 2.25 6.21
CA ASN A 30 -7.37 2.79 4.92
C ASN A 30 -6.33 3.89 5.10
N ASP A 31 -5.09 3.61 4.73
CA ASP A 31 -4.01 4.57 4.90
C ASP A 31 -3.81 5.38 3.63
N CYS A 32 -3.81 4.71 2.51
CA CYS A 32 -3.62 5.38 1.22
C CYS A 32 -4.93 5.93 0.69
N GLY A 33 -5.51 6.88 1.44
CA GLY A 33 -6.74 7.52 1.03
C GLY A 33 -7.90 6.54 0.95
N ASP A 34 -8.11 6.00 -0.23
CA ASP A 34 -9.17 5.02 -0.45
C ASP A 34 -8.83 3.71 0.23
N GLY A 35 -7.54 3.47 0.44
CA GLY A 35 -7.11 2.29 1.15
C GLY A 35 -6.80 1.13 0.23
N SER A 36 -6.06 1.41 -0.83
CA SER A 36 -5.67 0.37 -1.78
C SER A 36 -4.80 -0.69 -1.10
N ASP A 37 -4.21 -0.31 0.03
CA ASP A 37 -3.34 -1.20 0.79
C ASP A 37 -4.17 -2.27 1.50
N GLU A 38 -5.46 -2.03 1.61
CA GLU A 38 -6.36 -2.99 2.25
C GLU A 38 -7.02 -3.87 1.18
N LYS A 39 -7.14 -3.34 -0.03
CA LYS A 39 -7.89 -4.01 -1.09
C LYS A 39 -7.15 -5.24 -1.61
N ASN A 40 -5.84 -5.26 -1.43
CA ASN A 40 -5.03 -6.36 -1.95
C ASN A 40 -4.74 -7.39 -0.86
N CYS A 41 -5.51 -7.34 0.22
CA CYS A 41 -5.33 -8.28 1.32
C CYS A 41 -6.17 -9.53 1.08
N ASN A 42 -5.58 -10.50 0.41
CA ASN A 42 -6.27 -11.75 0.09
C ASN A 42 -6.17 -12.73 1.25
N SER A 43 -5.22 -12.47 2.14
CA SER A 43 -5.00 -13.32 3.31
C SER A 43 -6.04 -13.02 4.37
N THR A 44 -5.80 -11.99 5.15
CA THR A 44 -6.69 -11.62 6.23
C THR A 44 -7.75 -10.62 5.77
N GLU A 45 -8.70 -11.10 4.99
CA GLU A 45 -9.77 -10.25 4.49
C GLU A 45 -10.78 -9.95 5.60
N THR A 46 -10.72 -10.76 6.66
CA THR A 46 -11.53 -10.53 7.84
C THR A 46 -10.96 -9.39 8.66
N THR A 1 -0.50 7.60 -14.99
CA THR A 1 -0.86 6.89 -16.23
C THR A 1 -0.59 5.39 -16.10
N HIS A 2 0.57 5.02 -15.55
CA HIS A 2 0.92 3.62 -15.37
C HIS A 2 2.16 3.48 -14.48
N ALA A 3 3.12 4.38 -14.66
CA ALA A 3 4.37 4.35 -13.89
C ALA A 3 4.09 4.35 -12.39
N PRO A 4 4.59 3.33 -11.68
CA PRO A 4 4.40 3.20 -10.24
C PRO A 4 5.37 4.09 -9.46
N ALA A 5 4.96 4.50 -8.27
CA ALA A 5 5.79 5.36 -7.43
C ALA A 5 6.85 4.53 -6.71
N SER A 6 8.10 4.84 -6.96
CA SER A 6 9.20 4.12 -6.34
C SER A 6 9.34 4.50 -4.88
N CYS A 7 8.89 3.62 -4.00
CA CYS A 7 8.94 3.85 -2.56
C CYS A 7 10.10 3.10 -1.93
N LEU A 8 10.10 3.03 -0.60
CA LEU A 8 11.13 2.33 0.14
C LEU A 8 11.00 0.83 -0.04
N ASP A 9 11.96 0.08 0.47
CA ASP A 9 11.89 -1.37 0.40
C ASP A 9 10.91 -1.92 1.43
N THR A 10 10.86 -1.28 2.59
CA THR A 10 9.89 -1.64 3.61
C THR A 10 8.63 -0.80 3.48
N GLN A 11 8.55 0.00 2.42
CA GLN A 11 7.35 0.75 2.13
C GLN A 11 6.54 0.08 1.04
N TYR A 12 5.27 0.41 1.01
CA TYR A 12 4.35 -0.07 0.01
C TYR A 12 3.91 1.08 -0.86
N THR A 13 3.65 0.80 -2.12
CA THR A 13 3.18 1.79 -3.04
C THR A 13 1.68 1.64 -3.26
N CYS A 14 0.92 2.56 -2.71
CA CYS A 14 -0.52 2.55 -2.84
C CYS A 14 -0.92 2.72 -4.30
N ASP A 15 -2.16 2.35 -4.61
CA ASP A 15 -2.70 2.54 -5.95
C ASP A 15 -2.69 4.03 -6.30
N ASN A 16 -2.84 4.86 -5.26
CA ASN A 16 -2.84 6.31 -5.42
C ASN A 16 -1.42 6.85 -5.58
N HIS A 17 -0.46 5.94 -5.80
CA HIS A 17 0.95 6.30 -5.95
C HIS A 17 1.49 6.94 -4.67
N GLN A 18 1.23 6.29 -3.55
CA GLN A 18 1.64 6.83 -2.25
C GLN A 18 2.53 5.83 -1.52
N CYS A 19 3.46 6.34 -0.74
CA CYS A 19 4.42 5.50 -0.02
C CYS A 19 4.03 5.37 1.44
N ILE A 20 3.52 4.20 1.81
CA ILE A 20 3.19 3.91 3.19
C ILE A 20 4.07 2.78 3.70
N SER A 21 3.97 2.46 4.98
CA SER A 21 4.73 1.36 5.54
C SER A 21 4.04 0.03 5.19
N LYS A 22 4.84 -0.99 4.89
CA LYS A 22 4.31 -2.32 4.58
C LYS A 22 3.62 -2.93 5.79
N ASN A 23 3.93 -2.41 6.97
CA ASN A 23 3.30 -2.89 8.20
C ASN A 23 1.92 -2.30 8.37
N TRP A 24 1.58 -1.34 7.51
CA TRP A 24 0.26 -0.73 7.54
C TRP A 24 -0.66 -1.45 6.56
N VAL A 25 -0.06 -2.19 5.66
CA VAL A 25 -0.81 -2.90 4.62
C VAL A 25 -1.72 -3.95 5.23
N CYS A 26 -3.01 -3.82 4.97
CA CYS A 26 -4.02 -4.78 5.40
C CYS A 26 -4.10 -4.87 6.92
N ASP A 27 -4.08 -3.71 7.56
CA ASP A 27 -4.13 -3.63 9.02
C ASP A 27 -5.54 -3.23 9.46
N THR A 28 -6.49 -3.48 8.56
CA THR A 28 -7.91 -3.12 8.74
C THR A 28 -8.11 -1.62 8.94
N ASP A 29 -7.20 -0.83 8.38
CA ASP A 29 -7.31 0.61 8.41
C ASP A 29 -6.84 1.21 7.09
N ASN A 30 -7.64 2.07 6.50
CA ASN A 30 -7.31 2.67 5.20
C ASN A 30 -6.25 3.75 5.35
N ASP A 31 -5.01 3.42 4.98
CA ASP A 31 -3.92 4.39 5.05
C ASP A 31 -3.84 5.18 3.77
N CYS A 32 -3.92 4.46 2.65
CA CYS A 32 -3.88 5.08 1.34
C CYS A 32 -5.16 5.85 1.07
N GLY A 33 -5.15 6.72 0.07
CA GLY A 33 -6.31 7.54 -0.26
C GLY A 33 -7.59 6.73 -0.37
N ASP A 34 -7.55 5.67 -1.16
CA ASP A 34 -8.72 4.81 -1.35
C ASP A 34 -8.56 3.50 -0.59
N GLY A 35 -7.64 3.47 0.36
CA GLY A 35 -7.39 2.26 1.13
C GLY A 35 -6.98 1.10 0.25
N SER A 36 -6.13 1.37 -0.73
CA SER A 36 -5.69 0.36 -1.69
C SER A 36 -4.85 -0.71 -1.00
N ASP A 37 -4.21 -0.35 0.11
CA ASP A 37 -3.36 -1.26 0.84
C ASP A 37 -4.21 -2.34 1.53
N GLU A 38 -5.50 -2.09 1.62
CA GLU A 38 -6.43 -3.03 2.22
C GLU A 38 -7.20 -3.79 1.14
N LYS A 39 -7.19 -3.29 -0.09
CA LYS A 39 -8.03 -3.84 -1.15
C LYS A 39 -7.36 -5.02 -1.85
N ASN A 40 -6.05 -4.97 -2.02
CA ASN A 40 -5.33 -6.02 -2.71
C ASN A 40 -4.23 -6.60 -1.82
N CYS A 41 -4.58 -6.85 -0.59
CA CYS A 41 -3.63 -7.34 0.39
C CYS A 41 -3.88 -8.81 0.65
N ASN A 42 -2.82 -9.55 0.76
CA ASN A 42 -2.90 -10.96 1.13
C ASN A 42 -3.12 -11.06 2.64
N SER A 43 -4.07 -11.87 3.03
CA SER A 43 -4.30 -12.10 4.44
C SER A 43 -3.21 -12.99 5.01
N THR A 44 -2.52 -12.49 6.02
CA THR A 44 -1.43 -13.22 6.63
C THR A 44 -1.94 -14.25 7.61
N GLU A 45 -2.66 -15.23 7.08
CA GLU A 45 -3.20 -16.31 7.85
C GLU A 45 -2.10 -17.29 8.23
N THR A 46 -1.19 -17.52 7.28
CA THR A 46 -0.08 -18.42 7.52
C THR A 46 1.12 -17.63 8.05
N THR A 1 5.53 15.48 -5.41
CA THR A 1 6.60 14.98 -6.30
C THR A 1 6.05 14.63 -7.67
N HIS A 2 6.44 15.41 -8.67
CA HIS A 2 5.99 15.20 -10.03
C HIS A 2 6.75 14.05 -10.67
N ALA A 3 8.00 13.90 -10.28
CA ALA A 3 8.85 12.82 -10.81
C ALA A 3 8.62 11.55 -10.02
N PRO A 4 8.28 10.44 -10.72
CA PRO A 4 8.04 9.14 -10.09
C PRO A 4 9.21 8.69 -9.22
N ALA A 5 8.91 8.24 -8.02
CA ALA A 5 9.93 7.78 -7.09
C ALA A 5 9.56 6.43 -6.50
N SER A 6 10.51 5.52 -6.51
CA SER A 6 10.31 4.20 -5.94
C SER A 6 10.31 4.28 -4.41
N CYS A 7 9.29 3.70 -3.81
CA CYS A 7 9.14 3.74 -2.36
C CYS A 7 10.24 2.94 -1.66
N LEU A 8 10.25 3.00 -0.34
CA LEU A 8 11.22 2.27 0.47
C LEU A 8 11.08 0.77 0.24
N ASP A 9 12.11 0.01 0.57
CA ASP A 9 12.03 -1.45 0.50
C ASP A 9 10.93 -1.96 1.42
N THR A 10 10.83 -1.33 2.59
CA THR A 10 9.82 -1.70 3.57
C THR A 10 8.56 -0.85 3.42
N GLN A 11 8.49 -0.05 2.35
CA GLN A 11 7.29 0.70 2.07
C GLN A 11 6.49 0.07 0.95
N TYR A 12 5.20 0.39 0.94
CA TYR A 12 4.29 -0.09 -0.07
C TYR A 12 3.85 1.07 -0.96
N THR A 13 3.48 0.74 -2.18
CA THR A 13 3.06 1.74 -3.14
C THR A 13 1.54 1.69 -3.33
N CYS A 14 0.84 2.63 -2.70
CA CYS A 14 -0.61 2.67 -2.78
C CYS A 14 -1.09 3.03 -4.18
N ASP A 15 -2.39 2.93 -4.40
CA ASP A 15 -2.99 3.17 -5.72
C ASP A 15 -2.55 4.51 -6.31
N ASN A 16 -2.58 5.55 -5.49
CA ASN A 16 -2.20 6.89 -5.95
C ASN A 16 -0.72 7.18 -5.69
N HIS A 17 0.09 6.12 -5.79
CA HIS A 17 1.55 6.25 -5.67
C HIS A 17 1.98 6.76 -4.30
N GLN A 18 1.18 6.46 -3.27
CA GLN A 18 1.52 6.86 -1.91
C GLN A 18 2.38 5.79 -1.26
N CYS A 19 3.54 6.19 -0.76
CA CYS A 19 4.43 5.25 -0.09
C CYS A 19 4.11 5.16 1.40
N ILE A 20 3.41 4.10 1.79
CA ILE A 20 3.13 3.83 3.19
C ILE A 20 4.05 2.74 3.70
N SER A 21 4.03 2.50 5.00
CA SER A 21 4.80 1.40 5.57
C SER A 21 4.12 0.08 5.25
N LYS A 22 4.92 -0.96 5.00
CA LYS A 22 4.39 -2.28 4.74
C LYS A 22 3.73 -2.86 5.99
N ASN A 23 4.00 -2.25 7.14
CA ASN A 23 3.33 -2.63 8.39
C ASN A 23 1.89 -2.11 8.39
N TRP A 24 1.60 -1.21 7.47
CA TRP A 24 0.28 -0.60 7.39
C TRP A 24 -0.58 -1.29 6.35
N VAL A 25 0.04 -2.14 5.55
CA VAL A 25 -0.66 -2.83 4.48
C VAL A 25 -1.56 -3.92 5.02
N CYS A 26 -2.86 -3.78 4.77
CA CYS A 26 -3.86 -4.72 5.24
C CYS A 26 -3.81 -4.81 6.76
N ASP A 27 -3.92 -3.66 7.40
CA ASP A 27 -3.93 -3.58 8.85
C ASP A 27 -5.32 -3.13 9.32
N THR A 28 -6.27 -3.19 8.38
CA THR A 28 -7.65 -2.80 8.60
C THR A 28 -7.76 -1.34 9.07
N ASP A 29 -6.81 -0.53 8.66
CA ASP A 29 -6.80 0.89 9.00
C ASP A 29 -6.46 1.71 7.76
N ASN A 30 -7.11 2.86 7.64
CA ASN A 30 -6.98 3.68 6.44
C ASN A 30 -5.67 4.49 6.45
N ASP A 31 -4.82 4.20 5.48
CA ASP A 31 -3.54 4.90 5.35
C ASP A 31 -3.30 5.32 3.90
N CYS A 32 -3.66 4.46 2.95
CA CYS A 32 -3.51 4.79 1.53
C CYS A 32 -4.60 5.74 1.03
N GLY A 33 -5.03 6.67 1.88
CA GLY A 33 -6.07 7.61 1.50
C GLY A 33 -7.45 6.95 1.43
N ASP A 34 -7.65 6.12 0.42
CA ASP A 34 -8.90 5.38 0.27
C ASP A 34 -8.78 4.01 0.93
N GLY A 35 -7.71 3.30 0.61
CA GLY A 35 -7.45 2.02 1.25
C GLY A 35 -7.06 0.94 0.27
N SER A 36 -6.24 1.29 -0.71
CA SER A 36 -5.82 0.34 -1.72
C SER A 36 -4.94 -0.76 -1.12
N ASP A 37 -4.29 -0.44 0.00
CA ASP A 37 -3.46 -1.40 0.71
C ASP A 37 -4.32 -2.49 1.34
N GLU A 38 -5.55 -2.12 1.67
CA GLU A 38 -6.49 -3.06 2.26
C GLU A 38 -7.22 -3.84 1.17
N LYS A 39 -7.52 -3.17 0.05
CA LYS A 39 -8.33 -3.75 -1.00
C LYS A 39 -7.63 -4.93 -1.67
N ASN A 40 -6.31 -4.88 -1.77
CA ASN A 40 -5.55 -5.96 -2.41
C ASN A 40 -5.40 -7.14 -1.47
N CYS A 41 -5.85 -6.96 -0.24
CA CYS A 41 -5.75 -8.01 0.76
C CYS A 41 -6.97 -8.94 0.68
N ASN A 42 -7.88 -8.59 -0.25
CA ASN A 42 -9.07 -9.40 -0.58
C ASN A 42 -9.70 -10.05 0.65
N SER A 43 -10.24 -9.19 1.53
CA SER A 43 -10.90 -9.60 2.79
C SER A 43 -9.96 -10.37 3.71
N THR A 44 -9.98 -9.99 4.99
CA THR A 44 -9.09 -10.58 5.97
C THR A 44 -9.45 -12.03 6.24
N GLU A 45 -8.72 -12.92 5.59
CA GLU A 45 -8.81 -14.35 5.85
C GLU A 45 -8.61 -14.61 7.33
N THR A 46 -7.64 -13.91 7.89
CA THR A 46 -7.34 -14.00 9.31
C THR A 46 -7.40 -12.59 9.91
N THR A 1 17.10 1.94 -18.93
CA THR A 1 15.85 1.51 -18.27
C THR A 1 15.34 2.58 -17.30
N HIS A 2 16.01 2.72 -16.14
CA HIS A 2 15.61 3.70 -15.13
C HIS A 2 14.15 3.53 -14.73
N ALA A 3 13.81 2.32 -14.29
CA ALA A 3 12.45 2.03 -13.86
C ALA A 3 12.23 2.57 -12.46
N PRO A 4 11.06 3.18 -12.20
CA PRO A 4 10.72 3.73 -10.90
C PRO A 4 10.58 2.66 -9.83
N ALA A 5 11.33 2.80 -8.75
CA ALA A 5 11.26 1.85 -7.64
C ALA A 5 9.97 2.06 -6.86
N SER A 6 9.38 0.96 -6.42
CA SER A 6 8.11 1.01 -5.70
C SER A 6 8.32 1.39 -4.25
N CYS A 7 8.56 2.68 -4.02
CA CYS A 7 8.75 3.22 -2.67
C CYS A 7 9.94 2.58 -1.97
N LEU A 8 10.01 2.77 -0.66
CA LEU A 8 11.04 2.17 0.17
C LEU A 8 10.98 0.66 0.10
N ASP A 9 12.05 -0.01 0.51
CA ASP A 9 12.07 -1.47 0.55
C ASP A 9 11.07 -1.98 1.59
N THR A 10 10.80 -1.14 2.58
CA THR A 10 9.81 -1.46 3.59
C THR A 10 8.53 -0.68 3.40
N GLN A 11 8.41 -0.01 2.25
CA GLN A 11 7.21 0.74 1.97
C GLN A 11 6.45 0.17 0.79
N TYR A 12 5.15 0.41 0.82
CA TYR A 12 4.24 -0.02 -0.22
C TYR A 12 3.84 1.17 -1.08
N THR A 13 3.57 0.90 -2.33
CA THR A 13 3.14 1.94 -3.25
C THR A 13 1.63 1.86 -3.44
N CYS A 14 0.94 2.78 -2.79
CA CYS A 14 -0.50 2.83 -2.87
C CYS A 14 -0.95 3.23 -4.27
N ASP A 15 -2.22 3.00 -4.59
CA ASP A 15 -2.75 3.29 -5.92
C ASP A 15 -2.54 4.76 -6.29
N ASN A 16 -2.69 5.62 -5.29
CA ASN A 16 -2.52 7.06 -5.47
C ASN A 16 -1.04 7.45 -5.44
N HIS A 17 -0.17 6.47 -5.63
CA HIS A 17 1.29 6.67 -5.67
C HIS A 17 1.80 7.18 -4.33
N GLN A 18 1.10 6.83 -3.27
CA GLN A 18 1.50 7.20 -1.92
C GLN A 18 2.28 6.05 -1.29
N CYS A 19 3.34 6.36 -0.56
CA CYS A 19 4.14 5.34 0.07
C CYS A 19 3.81 5.21 1.55
N ILE A 20 3.37 4.03 1.95
CA ILE A 20 3.13 3.73 3.35
C ILE A 20 4.03 2.57 3.77
N SER A 21 4.11 2.31 5.06
CA SER A 21 4.88 1.18 5.54
C SER A 21 4.12 -0.10 5.24
N LYS A 22 4.85 -1.13 4.85
CA LYS A 22 4.24 -2.41 4.51
C LYS A 22 3.58 -3.04 5.73
N ASN A 23 4.01 -2.60 6.92
CA ASN A 23 3.39 -3.04 8.17
C ASN A 23 1.98 -2.47 8.30
N TRP A 24 1.72 -1.41 7.56
CA TRP A 24 0.41 -0.74 7.63
C TRP A 24 -0.55 -1.38 6.64
N VAL A 25 -0.02 -2.19 5.75
CA VAL A 25 -0.82 -2.86 4.73
C VAL A 25 -1.75 -3.89 5.37
N CYS A 26 -3.05 -3.73 5.09
CA CYS A 26 -4.08 -4.60 5.62
C CYS A 26 -4.08 -4.57 7.14
N ASP A 27 -4.21 -3.37 7.68
CA ASP A 27 -4.27 -3.18 9.12
C ASP A 27 -5.63 -2.60 9.50
N THR A 28 -6.57 -2.73 8.56
CA THR A 28 -7.95 -2.24 8.68
C THR A 28 -8.01 -0.73 8.92
N ASP A 29 -6.95 -0.04 8.53
CA ASP A 29 -6.93 1.41 8.56
C ASP A 29 -6.52 1.97 7.21
N ASN A 30 -7.21 3.01 6.78
CA ASN A 30 -6.96 3.59 5.46
C ASN A 30 -5.79 4.57 5.50
N ASP A 31 -4.61 4.02 5.31
CA ASP A 31 -3.37 4.80 5.29
C ASP A 31 -2.99 5.15 3.87
N CYS A 32 -3.40 4.32 2.93
CA CYS A 32 -3.18 4.57 1.51
C CYS A 32 -4.09 5.68 1.00
N GLY A 33 -5.12 6.02 1.77
CA GLY A 33 -6.08 7.00 1.33
C GLY A 33 -7.08 6.41 0.35
N ASP A 34 -6.55 5.71 -0.64
CA ASP A 34 -7.38 5.01 -1.62
C ASP A 34 -7.81 3.65 -1.07
N GLY A 35 -7.17 3.24 0.02
CA GLY A 35 -7.46 1.94 0.62
C GLY A 35 -6.84 0.81 -0.18
N SER A 36 -5.90 1.15 -1.03
CA SER A 36 -5.30 0.20 -1.95
C SER A 36 -4.43 -0.84 -1.23
N ASP A 37 -4.07 -0.56 0.01
CA ASP A 37 -3.27 -1.50 0.79
C ASP A 37 -4.18 -2.56 1.39
N GLU A 38 -5.42 -2.18 1.67
CA GLU A 38 -6.39 -3.07 2.28
C GLU A 38 -7.08 -3.90 1.21
N LYS A 39 -7.21 -3.32 0.01
CA LYS A 39 -7.97 -3.94 -1.09
C LYS A 39 -7.33 -5.27 -1.50
N ASN A 40 -6.01 -5.34 -1.51
CA ASN A 40 -5.32 -6.52 -2.00
C ASN A 40 -4.85 -7.40 -0.84
N CYS A 41 -5.60 -7.39 0.24
CA CYS A 41 -5.28 -8.25 1.36
C CYS A 41 -5.93 -9.62 1.16
N ASN A 42 -5.46 -10.34 0.14
CA ASN A 42 -6.00 -11.65 -0.18
C ASN A 42 -4.97 -12.74 0.13
N SER A 43 -5.47 -13.85 0.64
CA SER A 43 -4.63 -14.99 0.98
C SER A 43 -5.47 -16.24 1.17
N THR A 44 -6.41 -16.17 2.10
CA THR A 44 -7.26 -17.29 2.42
C THR A 44 -8.53 -17.27 1.59
N GLU A 45 -8.37 -17.04 0.29
CA GLU A 45 -9.51 -16.96 -0.62
C GLU A 45 -9.87 -18.34 -1.17
N THR A 46 -8.89 -19.25 -1.18
CA THR A 46 -9.13 -20.60 -1.67
C THR A 46 -9.43 -21.56 -0.53
N THR A 1 15.87 12.91 -16.68
CA THR A 1 14.39 12.86 -16.59
C THR A 1 13.92 11.53 -15.99
N HIS A 2 14.22 11.34 -14.71
CA HIS A 2 13.82 10.12 -14.02
C HIS A 2 12.50 10.31 -13.29
N ALA A 3 11.60 9.36 -13.46
CA ALA A 3 10.31 9.38 -12.79
C ALA A 3 10.36 8.52 -11.54
N PRO A 4 9.67 8.94 -10.46
CA PRO A 4 9.63 8.18 -9.20
C PRO A 4 9.05 6.78 -9.39
N ALA A 5 9.77 5.79 -8.89
CA ALA A 5 9.34 4.40 -8.98
C ALA A 5 8.69 3.96 -7.67
N SER A 6 8.59 2.65 -7.49
CA SER A 6 8.02 2.07 -6.29
C SER A 6 8.70 2.59 -5.02
N CYS A 7 7.97 2.58 -3.92
CA CYS A 7 8.45 3.12 -2.66
C CYS A 7 9.52 2.22 -2.03
N LEU A 8 9.91 2.57 -0.81
CA LEU A 8 10.94 1.85 -0.06
C LEU A 8 10.66 0.34 -0.03
N ASP A 9 11.70 -0.44 0.24
CA ASP A 9 11.56 -1.89 0.29
C ASP A 9 10.73 -2.31 1.50
N THR A 10 10.68 -1.44 2.51
CA THR A 10 9.82 -1.65 3.66
C THR A 10 8.56 -0.78 3.56
N GLN A 11 8.44 -0.06 2.44
CA GLN A 11 7.26 0.73 2.18
C GLN A 11 6.39 0.09 1.12
N TYR A 12 5.17 0.54 1.06
CA TYR A 12 4.23 0.07 0.06
C TYR A 12 3.82 1.22 -0.84
N THR A 13 3.52 0.90 -2.09
CA THR A 13 3.16 1.90 -3.06
C THR A 13 1.65 1.85 -3.33
N CYS A 14 0.94 2.82 -2.75
CA CYS A 14 -0.50 2.87 -2.85
C CYS A 14 -0.95 3.29 -4.25
N ASP A 15 -2.27 3.27 -4.49
CA ASP A 15 -2.82 3.53 -5.81
C ASP A 15 -2.39 4.89 -6.36
N ASN A 16 -2.46 5.93 -5.55
CA ASN A 16 -2.11 7.28 -5.99
C ASN A 16 -0.62 7.53 -5.80
N HIS A 17 0.15 6.44 -5.79
CA HIS A 17 1.61 6.50 -5.61
C HIS A 17 1.96 7.09 -4.26
N GLN A 18 1.20 6.72 -3.24
CA GLN A 18 1.48 7.13 -1.88
C GLN A 18 2.36 6.08 -1.20
N CYS A 19 3.34 6.52 -0.46
CA CYS A 19 4.27 5.60 0.20
C CYS A 19 3.92 5.43 1.68
N ILE A 20 3.31 4.31 2.01
CA ILE A 20 3.05 3.97 3.41
C ILE A 20 4.02 2.87 3.83
N SER A 21 4.01 2.54 5.10
CA SER A 21 4.82 1.43 5.59
C SER A 21 4.15 0.11 5.20
N LYS A 22 4.96 -0.90 4.89
CA LYS A 22 4.43 -2.22 4.59
C LYS A 22 3.73 -2.81 5.81
N ASN A 23 4.03 -2.25 6.99
CA ASN A 23 3.39 -2.69 8.23
C ASN A 23 1.98 -2.12 8.34
N TRP A 24 1.68 -1.15 7.49
CA TRP A 24 0.36 -0.52 7.48
C TRP A 24 -0.53 -1.20 6.45
N VAL A 25 0.05 -2.06 5.64
CA VAL A 25 -0.70 -2.75 4.61
C VAL A 25 -1.56 -3.84 5.20
N CYS A 26 -2.86 -3.80 4.88
CA CYS A 26 -3.80 -4.80 5.35
C CYS A 26 -3.81 -4.83 6.88
N ASP A 27 -4.06 -3.66 7.45
CA ASP A 27 -4.11 -3.51 8.90
C ASP A 27 -5.46 -2.95 9.32
N THR A 28 -6.42 -3.02 8.39
CA THR A 28 -7.78 -2.52 8.57
C THR A 28 -7.81 -1.03 8.90
N ASP A 29 -6.82 -0.31 8.38
CA ASP A 29 -6.77 1.15 8.50
C ASP A 29 -6.55 1.77 7.13
N ASN A 30 -7.30 2.81 6.83
CA ASN A 30 -7.23 3.43 5.51
C ASN A 30 -6.09 4.45 5.45
N ASP A 31 -4.89 3.94 5.20
CA ASP A 31 -3.69 4.77 5.14
C ASP A 31 -3.33 5.11 3.70
N CYS A 32 -3.65 4.20 2.78
CA CYS A 32 -3.38 4.43 1.36
C CYS A 32 -4.40 5.37 0.71
N GLY A 33 -5.20 6.06 1.51
CA GLY A 33 -6.16 7.00 0.98
C GLY A 33 -7.39 6.33 0.41
N ASP A 34 -7.20 5.59 -0.68
CA ASP A 34 -8.28 4.83 -1.29
C ASP A 34 -8.42 3.47 -0.61
N GLY A 35 -7.35 3.03 0.04
CA GLY A 35 -7.36 1.74 0.71
C GLY A 35 -6.79 0.65 -0.18
N SER A 36 -5.90 1.05 -1.08
CA SER A 36 -5.29 0.12 -2.01
C SER A 36 -4.30 -0.81 -1.32
N ASP A 37 -4.14 -0.64 -0.02
CA ASP A 37 -3.31 -1.53 0.80
C ASP A 37 -4.21 -2.55 1.49
N GLU A 38 -5.49 -2.22 1.61
CA GLU A 38 -6.45 -3.07 2.29
C GLU A 38 -7.22 -3.89 1.26
N LYS A 39 -7.28 -3.40 0.03
CA LYS A 39 -8.01 -4.06 -1.05
C LYS A 39 -7.41 -5.44 -1.35
N ASN A 40 -6.15 -5.59 -0.97
CA ASN A 40 -5.43 -6.84 -1.15
C ASN A 40 -5.03 -7.41 0.20
N CYS A 41 -5.92 -7.22 1.18
CA CYS A 41 -5.69 -7.69 2.54
C CYS A 41 -6.07 -9.16 2.67
N ASN A 42 -7.01 -9.60 1.84
CA ASN A 42 -7.47 -10.98 1.86
C ASN A 42 -6.81 -11.78 0.74
N SER A 43 -6.06 -11.09 -0.10
CA SER A 43 -5.37 -11.72 -1.20
C SER A 43 -3.86 -11.63 -1.02
N THR A 44 -3.14 -12.57 -1.61
CA THR A 44 -1.68 -12.60 -1.51
C THR A 44 -1.05 -11.59 -2.46
N GLU A 45 -0.45 -10.56 -1.89
CA GLU A 45 0.23 -9.54 -2.66
C GLU A 45 1.63 -10.00 -3.02
N THR A 46 2.14 -10.91 -2.20
CA THR A 46 3.47 -11.46 -2.37
C THR A 46 3.50 -12.49 -3.50
N THR A 1 13.61 -4.26 -17.84
CA THR A 1 12.40 -3.71 -18.49
C THR A 1 11.86 -2.50 -17.71
N HIS A 2 12.79 -1.63 -17.28
CA HIS A 2 12.47 -0.46 -16.47
C HIS A 2 11.96 -0.87 -15.10
N ALA A 3 12.80 -0.72 -14.09
CA ALA A 3 12.40 -0.99 -12.72
C ALA A 3 11.32 0.00 -12.30
N PRO A 4 10.15 -0.51 -11.89
CA PRO A 4 9.03 0.34 -11.46
C PRO A 4 9.45 1.27 -10.34
N ALA A 5 9.05 2.52 -10.43
CA ALA A 5 9.40 3.52 -9.43
C ALA A 5 8.56 3.35 -8.18
N SER A 6 8.74 2.22 -7.52
CA SER A 6 8.02 1.92 -6.30
C SER A 6 8.66 2.62 -5.10
N CYS A 7 8.00 2.53 -3.96
CA CYS A 7 8.46 3.20 -2.75
C CYS A 7 9.61 2.43 -2.09
N LEU A 8 9.91 2.82 -0.86
CA LEU A 8 10.96 2.20 -0.06
C LEU A 8 10.81 0.68 -0.02
N ASP A 9 11.90 -0.02 0.27
CA ASP A 9 11.88 -1.47 0.38
C ASP A 9 11.03 -1.90 1.57
N THR A 10 10.93 -1.05 2.57
CA THR A 10 10.09 -1.31 3.71
C THR A 10 8.75 -0.58 3.57
N GLN A 11 8.60 0.16 2.48
CA GLN A 11 7.38 0.87 2.20
C GLN A 11 6.53 0.12 1.19
N TYR A 12 5.26 0.48 1.15
CA TYR A 12 4.35 -0.07 0.18
C TYR A 12 4.00 1.01 -0.83
N THR A 13 3.72 0.59 -2.04
CA THR A 13 3.37 1.52 -3.10
C THR A 13 1.89 1.38 -3.43
N CYS A 14 1.10 2.31 -2.94
CA CYS A 14 -0.34 2.28 -3.13
C CYS A 14 -0.71 2.48 -4.61
N ASP A 15 -1.97 2.25 -4.96
CA ASP A 15 -2.40 2.41 -6.36
C ASP A 15 -2.21 3.85 -6.80
N ASN A 16 -2.47 4.78 -5.90
CA ASN A 16 -2.29 6.21 -6.17
C ASN A 16 -0.84 6.63 -5.94
N HIS A 17 0.04 5.63 -5.82
CA HIS A 17 1.48 5.84 -5.69
C HIS A 17 1.85 6.51 -4.36
N GLN A 18 1.00 6.31 -3.36
CA GLN A 18 1.30 6.76 -2.00
C GLN A 18 2.27 5.79 -1.34
N CYS A 19 3.21 6.31 -0.57
CA CYS A 19 4.22 5.49 0.08
C CYS A 19 3.94 5.36 1.58
N ILE A 20 3.40 4.22 1.96
CA ILE A 20 3.14 3.93 3.37
C ILE A 20 4.05 2.80 3.84
N SER A 21 3.96 2.44 5.10
CA SER A 21 4.72 1.30 5.63
C SER A 21 4.08 0.00 5.17
N LYS A 22 4.91 -1.02 4.93
CA LYS A 22 4.41 -2.34 4.58
C LYS A 22 3.67 -2.96 5.74
N ASN A 23 3.98 -2.50 6.96
CA ASN A 23 3.30 -3.00 8.15
C ASN A 23 1.87 -2.47 8.22
N TRP A 24 1.60 -1.42 7.46
CA TRP A 24 0.29 -0.80 7.44
C TRP A 24 -0.61 -1.46 6.41
N VAL A 25 -0.01 -2.28 5.56
CA VAL A 25 -0.76 -2.94 4.49
C VAL A 25 -1.71 -3.97 5.05
N CYS A 26 -3.00 -3.74 4.83
CA CYS A 26 -4.05 -4.66 5.27
C CYS A 26 -4.03 -4.79 6.79
N ASP A 27 -4.02 -3.65 7.46
CA ASP A 27 -4.08 -3.62 8.92
C ASP A 27 -5.45 -3.13 9.36
N THR A 28 -6.42 -3.31 8.47
CA THR A 28 -7.82 -2.89 8.67
C THR A 28 -7.93 -1.41 9.00
N ASP A 29 -7.06 -0.61 8.41
CA ASP A 29 -7.11 0.83 8.56
C ASP A 29 -6.64 1.50 7.27
N ASN A 30 -7.42 2.45 6.77
CA ASN A 30 -7.13 3.09 5.49
C ASN A 30 -5.92 4.02 5.60
N ASP A 31 -4.87 3.70 4.84
CA ASP A 31 -3.64 4.50 4.88
C ASP A 31 -3.32 5.10 3.52
N CYS A 32 -3.77 4.45 2.45
CA CYS A 32 -3.46 4.92 1.10
C CYS A 32 -4.46 5.96 0.60
N GLY A 33 -5.23 6.54 1.50
CA GLY A 33 -6.22 7.53 1.12
C GLY A 33 -7.49 6.88 0.60
N ASP A 34 -7.37 6.18 -0.51
CA ASP A 34 -8.49 5.40 -1.04
C ASP A 34 -8.64 4.10 -0.27
N GLY A 35 -7.50 3.51 0.07
CA GLY A 35 -7.51 2.26 0.81
C GLY A 35 -6.99 1.09 -0.01
N SER A 36 -6.11 1.37 -0.97
CA SER A 36 -5.59 0.33 -1.84
C SER A 36 -4.74 -0.68 -1.08
N ASP A 37 -4.24 -0.27 0.09
CA ASP A 37 -3.41 -1.15 0.90
C ASP A 37 -4.28 -2.18 1.60
N GLU A 38 -5.55 -1.84 1.80
CA GLU A 38 -6.49 -2.76 2.42
C GLU A 38 -7.18 -3.60 1.35
N LYS A 39 -7.27 -3.07 0.14
CA LYS A 39 -7.92 -3.78 -0.95
C LYS A 39 -6.98 -4.85 -1.53
N ASN A 40 -5.70 -4.52 -1.61
CA ASN A 40 -4.70 -5.44 -2.15
C ASN A 40 -4.19 -6.35 -1.05
N CYS A 41 -5.12 -7.05 -0.42
CA CYS A 41 -4.79 -7.96 0.67
C CYS A 41 -5.19 -9.38 0.30
N ASN A 42 -6.23 -9.50 -0.50
CA ASN A 42 -6.73 -10.80 -0.92
C ASN A 42 -6.03 -11.27 -2.18
N SER A 43 -4.78 -11.65 -2.04
CA SER A 43 -3.99 -12.13 -3.16
C SER A 43 -4.14 -13.64 -3.31
N THR A 44 -3.59 -14.37 -2.36
CA THR A 44 -3.64 -15.82 -2.36
C THR A 44 -4.86 -16.32 -1.61
N GLU A 45 -5.93 -15.54 -1.66
CA GLU A 45 -7.18 -15.88 -0.98
C GLU A 45 -7.73 -17.21 -1.50
N THR A 46 -7.40 -17.53 -2.73
CA THR A 46 -7.86 -18.75 -3.37
C THR A 46 -6.95 -19.93 -3.05
N THR A 1 23.96 6.65 -11.74
CA THR A 1 23.30 7.16 -10.52
C THR A 1 21.98 7.85 -10.88
N HIS A 2 20.96 7.06 -11.20
CA HIS A 2 19.64 7.57 -11.52
C HIS A 2 18.57 6.71 -10.87
N ALA A 3 18.17 7.08 -9.67
CA ALA A 3 17.19 6.33 -8.91
C ALA A 3 15.78 6.80 -9.23
N PRO A 4 14.87 5.86 -9.53
CA PRO A 4 13.45 6.16 -9.72
C PRO A 4 12.82 6.65 -8.43
N ALA A 5 11.81 7.50 -8.53
CA ALA A 5 11.15 8.06 -7.36
C ALA A 5 10.16 7.06 -6.75
N SER A 6 10.65 5.85 -6.51
CA SER A 6 9.86 4.79 -5.92
C SER A 6 9.89 4.89 -4.40
N CYS A 7 9.02 4.15 -3.74
CA CYS A 7 8.97 4.18 -2.28
C CYS A 7 10.10 3.36 -1.68
N LEU A 8 10.13 3.28 -0.36
CA LEU A 8 11.16 2.55 0.35
C LEU A 8 11.03 1.05 0.09
N ASP A 9 12.05 0.30 0.47
CA ASP A 9 12.00 -1.16 0.32
C ASP A 9 10.99 -1.73 1.31
N THR A 10 10.97 -1.16 2.51
CA THR A 10 10.03 -1.57 3.54
C THR A 10 8.69 -0.85 3.39
N GLN A 11 8.62 0.09 2.45
CA GLN A 11 7.39 0.80 2.20
C GLN A 11 6.57 0.13 1.11
N TYR A 12 5.29 0.41 1.13
CA TYR A 12 4.37 -0.11 0.15
C TYR A 12 3.90 0.99 -0.77
N THR A 13 3.62 0.65 -1.99
CA THR A 13 3.20 1.61 -2.99
C THR A 13 1.69 1.48 -3.23
N CYS A 14 0.96 2.51 -2.85
CA CYS A 14 -0.46 2.59 -3.11
C CYS A 14 -0.72 2.53 -4.61
N ASP A 15 -1.90 2.03 -4.97
CA ASP A 15 -2.30 1.93 -6.38
C ASP A 15 -2.50 3.32 -6.95
N ASN A 16 -2.59 4.31 -6.07
CA ASN A 16 -2.69 5.71 -6.46
C ASN A 16 -1.35 6.39 -6.34
N HIS A 17 -0.29 5.58 -6.25
CA HIS A 17 1.09 6.05 -6.08
C HIS A 17 1.25 6.85 -4.79
N GLN A 18 1.34 6.13 -3.68
CA GLN A 18 1.58 6.75 -2.39
C GLN A 18 2.43 5.81 -1.55
N CYS A 19 3.32 6.38 -0.75
CA CYS A 19 4.25 5.59 0.03
C CYS A 19 3.81 5.45 1.48
N ILE A 20 3.38 4.24 1.84
CA ILE A 20 3.08 3.91 3.22
C ILE A 20 3.98 2.78 3.68
N SER A 21 3.84 2.33 4.91
CA SER A 21 4.63 1.21 5.38
C SER A 21 3.98 -0.12 5.00
N LYS A 22 4.80 -1.12 4.68
CA LYS A 22 4.29 -2.45 4.38
C LYS A 22 3.64 -3.08 5.61
N ASN A 23 3.99 -2.55 6.77
CA ASN A 23 3.45 -3.05 8.03
C ASN A 23 2.05 -2.51 8.26
N TRP A 24 1.63 -1.59 7.40
CA TRP A 24 0.31 -0.98 7.50
C TRP A 24 -0.65 -1.62 6.52
N VAL A 25 -0.12 -2.46 5.65
CA VAL A 25 -0.93 -3.11 4.62
C VAL A 25 -1.92 -4.09 5.24
N CYS A 26 -3.21 -3.81 5.03
CA CYS A 26 -4.29 -4.68 5.48
C CYS A 26 -4.35 -4.73 7.01
N ASP A 27 -4.22 -3.56 7.62
CA ASP A 27 -4.28 -3.44 9.08
C ASP A 27 -5.60 -2.81 9.49
N THR A 28 -6.58 -2.92 8.59
CA THR A 28 -7.94 -2.37 8.79
C THR A 28 -7.92 -0.86 9.02
N ASP A 29 -6.97 -0.18 8.39
CA ASP A 29 -6.89 1.27 8.44
C ASP A 29 -6.48 1.84 7.10
N ASN A 30 -7.11 2.92 6.69
CA ASN A 30 -6.81 3.57 5.42
C ASN A 30 -5.65 4.56 5.57
N ASP A 31 -4.44 4.04 5.74
CA ASP A 31 -3.25 4.87 5.88
C ASP A 31 -3.01 5.70 4.64
N CYS A 32 -3.59 5.25 3.54
CA CYS A 32 -3.35 5.86 2.25
C CYS A 32 -4.50 6.79 1.87
N GLY A 33 -5.44 6.99 2.79
CA GLY A 33 -6.67 7.67 2.45
C GLY A 33 -7.56 6.75 1.65
N ASP A 34 -7.20 6.54 0.40
CA ASP A 34 -7.80 5.49 -0.41
C ASP A 34 -6.97 4.24 -0.23
N GLY A 35 -7.33 3.46 0.79
CA GLY A 35 -6.52 2.32 1.20
C GLY A 35 -6.49 1.19 0.19
N SER A 36 -5.67 1.33 -0.83
CA SER A 36 -5.42 0.23 -1.75
C SER A 36 -4.65 -0.86 -1.03
N ASP A 37 -4.04 -0.50 0.09
CA ASP A 37 -3.28 -1.42 0.91
C ASP A 37 -4.22 -2.36 1.65
N GLU A 38 -5.48 -1.94 1.79
CA GLU A 38 -6.49 -2.77 2.41
C GLU A 38 -7.23 -3.58 1.34
N LYS A 39 -7.41 -2.97 0.17
CA LYS A 39 -8.12 -3.63 -0.92
C LYS A 39 -7.28 -4.74 -1.53
N ASN A 40 -5.97 -4.58 -1.46
CA ASN A 40 -5.05 -5.59 -1.97
C ASN A 40 -4.81 -6.64 -0.89
N CYS A 41 -5.89 -7.04 -0.23
CA CYS A 41 -5.82 -8.03 0.83
C CYS A 41 -7.04 -8.96 0.76
N ASN A 42 -7.79 -8.85 -0.32
CA ASN A 42 -8.93 -9.72 -0.53
C ASN A 42 -8.93 -10.23 -1.96
N SER A 43 -9.89 -11.09 -2.29
CA SER A 43 -10.00 -11.72 -3.61
C SER A 43 -8.68 -12.39 -4.02
N THR A 44 -8.51 -12.65 -5.30
CA THR A 44 -7.32 -13.34 -5.80
C THR A 44 -6.13 -12.39 -5.91
N GLU A 45 -5.68 -11.87 -4.78
CA GLU A 45 -4.52 -10.98 -4.74
C GLU A 45 -3.25 -11.74 -5.13
N THR A 46 -3.16 -12.98 -4.66
CA THR A 46 -1.98 -13.82 -4.89
C THR A 46 -2.43 -15.24 -5.19
N THR A 1 16.93 12.63 -2.48
CA THR A 1 16.01 12.15 -3.54
C THR A 1 15.11 13.29 -4.01
N HIS A 2 15.59 14.04 -5.00
CA HIS A 2 14.82 15.15 -5.56
C HIS A 2 13.83 14.62 -6.59
N ALA A 3 14.19 13.50 -7.21
CA ALA A 3 13.37 12.90 -8.25
C ALA A 3 12.30 12.00 -7.64
N PRO A 4 11.09 12.00 -8.21
CA PRO A 4 10.04 11.06 -7.80
C PRO A 4 10.40 9.64 -8.22
N ALA A 5 10.49 8.74 -7.25
CA ALA A 5 10.93 7.39 -7.51
C ALA A 5 10.08 6.37 -6.75
N SER A 6 10.54 5.13 -6.71
CA SER A 6 9.86 4.08 -5.97
C SER A 6 9.91 4.33 -4.47
N CYS A 7 9.04 3.67 -3.73
CA CYS A 7 9.01 3.82 -2.28
C CYS A 7 10.11 2.99 -1.63
N LEU A 8 10.10 2.95 -0.30
CA LEU A 8 11.14 2.25 0.45
C LEU A 8 11.13 0.76 0.16
N ASP A 9 12.17 0.08 0.62
CA ASP A 9 12.25 -1.37 0.50
C ASP A 9 11.09 -2.02 1.25
N THR A 10 10.84 -1.53 2.47
CA THR A 10 9.77 -2.05 3.30
C THR A 10 8.52 -1.17 3.24
N GLN A 11 8.45 -0.27 2.26
CA GLN A 11 7.26 0.52 2.06
C GLN A 11 6.40 -0.04 0.93
N TYR A 12 5.16 0.37 0.94
CA TYR A 12 4.19 -0.04 -0.06
C TYR A 12 3.82 1.16 -0.92
N THR A 13 3.50 0.91 -2.16
CA THR A 13 3.15 1.97 -3.09
C THR A 13 1.63 2.00 -3.30
N CYS A 14 1.01 3.06 -2.81
CA CYS A 14 -0.43 3.19 -2.89
C CYS A 14 -0.91 3.50 -4.30
N ASP A 15 -2.22 3.65 -4.46
CA ASP A 15 -2.83 3.84 -5.76
C ASP A 15 -2.32 5.11 -6.46
N ASN A 16 -2.11 6.18 -5.69
CA ASN A 16 -1.63 7.43 -6.25
C ASN A 16 -0.15 7.66 -5.95
N HIS A 17 0.60 6.56 -5.90
CA HIS A 17 2.04 6.62 -5.66
C HIS A 17 2.38 7.19 -4.29
N GLN A 18 1.48 7.01 -3.33
CA GLN A 18 1.76 7.40 -1.96
C GLN A 18 2.57 6.30 -1.28
N CYS A 19 3.57 6.68 -0.52
CA CYS A 19 4.45 5.71 0.12
C CYS A 19 4.06 5.50 1.58
N ILE A 20 3.49 4.34 1.86
CA ILE A 20 3.18 3.95 3.23
C ILE A 20 4.05 2.77 3.62
N SER A 21 4.04 2.41 4.89
CA SER A 21 4.79 1.25 5.34
C SER A 21 4.03 -0.03 5.01
N LYS A 22 4.78 -1.08 4.67
CA LYS A 22 4.18 -2.38 4.40
C LYS A 22 3.52 -2.95 5.67
N ASN A 23 3.88 -2.37 6.82
CA ASN A 23 3.28 -2.79 8.08
C ASN A 23 1.85 -2.27 8.19
N TRP A 24 1.54 -1.25 7.40
CA TRP A 24 0.22 -0.63 7.41
C TRP A 24 -0.71 -1.36 6.45
N VAL A 25 -0.13 -2.19 5.60
CA VAL A 25 -0.90 -2.96 4.64
C VAL A 25 -1.77 -3.99 5.35
N CYS A 26 -3.08 -3.88 5.14
CA CYS A 26 -4.05 -4.76 5.77
C CYS A 26 -4.00 -4.61 7.29
N ASP A 27 -4.21 -3.39 7.75
CA ASP A 27 -4.29 -3.09 9.18
C ASP A 27 -5.66 -2.51 9.50
N THR A 28 -6.59 -2.72 8.56
CA THR A 28 -7.96 -2.23 8.66
C THR A 28 -8.01 -0.71 8.80
N ASP A 29 -7.16 -0.03 8.03
CA ASP A 29 -7.16 1.42 7.95
C ASP A 29 -6.77 1.86 6.55
N ASN A 30 -7.44 2.89 6.04
CA ASN A 30 -7.20 3.36 4.68
C ASN A 30 -6.01 4.31 4.64
N ASP A 31 -4.81 3.75 4.60
CA ASP A 31 -3.60 4.56 4.48
C ASP A 31 -3.46 5.02 3.04
N CYS A 32 -3.85 4.14 2.13
CA CYS A 32 -3.88 4.46 0.72
C CYS A 32 -5.26 4.99 0.34
N GLY A 33 -5.34 5.63 -0.81
CA GLY A 33 -6.62 6.13 -1.30
C GLY A 33 -7.59 4.99 -1.55
N ASP A 34 -8.71 5.02 -0.83
CA ASP A 34 -9.75 3.98 -0.91
C ASP A 34 -9.25 2.67 -0.27
N GLY A 35 -8.02 2.70 0.22
CA GLY A 35 -7.47 1.55 0.92
C GLY A 35 -6.98 0.48 -0.02
N SER A 36 -6.17 0.86 -1.00
CA SER A 36 -5.60 -0.10 -1.92
C SER A 36 -4.66 -1.06 -1.19
N ASP A 37 -4.19 -0.65 -0.03
CA ASP A 37 -3.33 -1.49 0.80
C ASP A 37 -4.15 -2.53 1.55
N GLU A 38 -5.45 -2.29 1.68
CA GLU A 38 -6.35 -3.21 2.35
C GLU A 38 -7.02 -4.14 1.34
N LYS A 39 -7.24 -3.61 0.14
CA LYS A 39 -8.02 -4.33 -0.89
C LYS A 39 -7.38 -5.66 -1.27
N ASN A 40 -6.06 -5.75 -1.14
CA ASN A 40 -5.34 -6.96 -1.51
C ASN A 40 -5.40 -7.98 -0.40
N CYS A 41 -6.00 -7.60 0.72
CA CYS A 41 -6.08 -8.47 1.87
C CYS A 41 -7.50 -8.94 2.08
N ASN A 42 -7.95 -9.83 1.21
CA ASN A 42 -9.29 -10.39 1.29
C ASN A 42 -9.40 -11.33 2.49
N SER A 43 -10.58 -11.40 3.07
CA SER A 43 -10.85 -12.28 4.19
C SER A 43 -11.85 -13.35 3.78
N THR A 44 -12.06 -14.33 4.64
CA THR A 44 -12.99 -15.41 4.37
C THR A 44 -14.45 -14.98 4.60
N GLU A 45 -14.87 -13.95 3.88
CA GLU A 45 -16.21 -13.42 3.99
C GLU A 45 -17.19 -14.23 3.15
N THR A 46 -16.65 -14.97 2.19
CA THR A 46 -17.46 -15.79 1.30
C THR A 46 -18.04 -16.99 2.04
#